data_3ODW
#
_entry.id   3ODW
#
_cell.length_a   111.643
_cell.length_b   111.643
_cell.length_c   97.882
_cell.angle_alpha   90.00
_cell.angle_beta   90.00
_cell.angle_gamma   120.00
#
_symmetry.space_group_name_H-M   'P 32'
#
_entity_poly.entity_id   1
_entity_poly.type   'polypeptide(L)'
_entity_poly.pdbx_seq_one_letter_code
;QTSSGRNFFRKKVMGNRRSDEPAKTKKGLSSILDAARWNRGEPQVPDFRHLKAEVDAEKPGATDRKGGVGMPSRDRNIGA
PGQDTPGVSLHPLSLDSPDREPGADAPLELGDSSPQGPMSLESLAPPESTDEGAETESPEPGDEGEPGRSGLELEPEEPP
GWRELVPPDTLHSLPKSQVKRQEVISELLVTEAAHVRMLRVLHDLFFQPMAECLFFPLEELQNIFPSLDELIEVHSLFLD
RLMKRRQESGYLIEEIGDVLLARFDGAEGSWFQKISSRFCSRQSFALEQLKAKQRKDPRFCAFVQEAESRPRCRRLQLKD
MIPTEMQRLTKYPLLLQSIGQNTEEPTEREKVELAAECCREILHHVNQAVRDMEDLLRLKDYQRRLDLSHLRQSSDPMLS
EFKNLDITKKKLVHEGPLTWRVTKDKAVEVHVLLLDDLLLLLQRQDERLLLKSHSRTLTPTPDGKTMLRPVLRLTSAMTR
EVATDHKAFYVLFTWDQEAQIYELVAQTVSERKNWCALITETAGSLKVPAHHHHHH
;
_entity_poly.pdbx_strand_id   A,B
#
# COMPACT_ATOMS: atom_id res chain seq x y z
N PRO A 175 -37.55 36.87 7.11
CA PRO A 175 -37.33 35.79 8.07
C PRO A 175 -37.81 34.44 7.51
N LYS A 176 -37.25 33.30 7.94
CA LYS A 176 -36.26 33.20 9.03
C LYS A 176 -34.83 33.19 8.52
N SER A 177 -34.67 32.87 7.23
CA SER A 177 -33.37 32.86 6.55
C SER A 177 -32.62 34.18 6.76
N GLN A 178 -33.36 35.29 6.68
CA GLN A 178 -32.78 36.63 6.69
C GLN A 178 -32.16 37.06 8.02
N VAL A 179 -32.71 36.60 9.13
CA VAL A 179 -32.20 37.01 10.44
C VAL A 179 -30.72 36.64 10.57
N LYS A 180 -30.40 35.38 10.26
CA LYS A 180 -29.04 34.86 10.34
C LYS A 180 -28.14 35.57 9.34
N ARG A 181 -28.63 35.74 8.11
CA ARG A 181 -27.88 36.39 7.05
C ARG A 181 -27.40 37.79 7.41
N GLN A 182 -28.11 38.48 8.28
CA GLN A 182 -27.72 39.83 8.69
C GLN A 182 -26.86 39.80 9.95
N GLU A 183 -27.17 38.89 10.86
CA GLU A 183 -26.37 38.69 12.06
C GLU A 183 -24.97 38.17 11.71
N VAL A 184 -24.87 37.48 10.59
CA VAL A 184 -23.59 36.90 10.17
C VAL A 184 -22.82 37.89 9.31
N ILE A 185 -23.52 38.63 8.45
CA ILE A 185 -22.88 39.73 7.76
C ILE A 185 -22.44 40.77 8.80
N SER A 186 -23.19 40.93 9.88
CA SER A 186 -22.74 41.80 10.98
C SER A 186 -21.50 41.27 11.68
N GLU A 187 -21.44 39.97 11.91
CA GLU A 187 -20.34 39.41 12.65
C GLU A 187 -19.08 39.58 11.84
N LEU A 188 -19.20 39.42 10.52
CA LEU A 188 -18.07 39.55 9.61
C LEU A 188 -17.47 40.95 9.69
N LEU A 189 -18.31 41.96 9.53
CA LEU A 189 -17.91 43.35 9.66
C LEU A 189 -17.27 43.61 11.01
N VAL A 190 -18.04 43.42 12.06
CA VAL A 190 -17.58 43.72 13.41
C VAL A 190 -16.24 43.07 13.71
N THR A 191 -16.12 41.78 13.46
CA THR A 191 -14.89 41.04 13.81
C THR A 191 -13.70 41.34 12.89
N GLU A 192 -13.98 41.78 11.67
CA GLU A 192 -12.96 42.25 10.78
C GLU A 192 -12.36 43.57 11.25
N ALA A 193 -13.20 44.47 11.74
CA ALA A 193 -12.73 45.72 12.37
C ALA A 193 -11.85 45.44 13.58
N ALA A 194 -12.36 44.63 14.52
CA ALA A 194 -11.64 44.19 15.68
C ALA A 194 -10.26 43.64 15.34
N HIS A 195 -10.15 42.96 14.20
CA HIS A 195 -8.90 42.38 13.78
C HIS A 195 -7.96 43.46 13.32
N VAL A 196 -8.49 44.43 12.60
CA VAL A 196 -7.68 45.56 12.11
C VAL A 196 -7.19 46.45 13.25
N ARG A 197 -7.98 46.54 14.30
CA ARG A 197 -7.50 47.20 15.49
C ARG A 197 -6.41 46.40 16.18
N MET A 198 -6.52 45.08 16.27
CA MET A 198 -5.44 44.29 16.87
C MET A 198 -4.15 44.46 16.11
N LEU A 199 -4.19 44.16 14.81
CA LEU A 199 -3.01 44.30 13.97
C LEU A 199 -2.39 45.69 14.12
N ARG A 200 -3.22 46.74 14.21
CA ARG A 200 -2.73 48.09 14.45
C ARG A 200 -2.11 48.27 15.83
N VAL A 201 -2.69 47.70 16.87
CA VAL A 201 -2.04 47.65 18.15
C VAL A 201 -0.72 46.91 18.02
N LEU A 202 -0.71 45.74 17.39
CA LEU A 202 0.53 45.01 17.22
C LEU A 202 1.59 45.88 16.58
N HIS A 203 1.18 46.71 15.63
CA HIS A 203 2.12 47.54 14.89
C HIS A 203 2.65 48.72 15.68
N ASP A 204 1.73 49.41 16.34
CA ASP A 204 2.04 50.62 17.09
C ASP A 204 2.78 50.37 18.40
N LEU A 205 2.42 49.34 19.13
CA LEU A 205 2.97 49.17 20.45
C LEU A 205 4.18 48.28 20.48
N PHE A 206 4.32 47.42 19.48
CA PHE A 206 5.37 46.41 19.48
C PHE A 206 6.36 46.57 18.36
N PHE A 207 5.92 46.39 17.12
CA PHE A 207 6.82 46.33 15.97
C PHE A 207 7.54 47.63 15.76
N GLN A 208 6.83 48.75 15.69
CA GLN A 208 7.48 50.02 15.40
C GLN A 208 8.42 50.52 16.50
N PRO A 209 7.97 50.49 17.78
CA PRO A 209 8.81 50.70 18.94
C PRO A 209 10.11 49.91 18.97
N MET A 210 10.07 48.61 18.69
CA MET A 210 11.30 47.81 18.68
C MET A 210 12.14 48.12 17.45
N ALA A 211 11.57 48.84 16.49
CA ALA A 211 12.30 49.16 15.29
C ALA A 211 13.09 50.41 15.61
N GLU A 212 12.41 51.35 16.25
CA GLU A 212 13.03 52.59 16.70
C GLU A 212 14.06 52.37 17.85
N CYS A 213 13.94 51.25 18.56
CA CYS A 213 14.77 50.97 19.72
C CYS A 213 15.93 50.11 19.36
N LEU A 214 15.95 49.68 18.10
CA LEU A 214 16.94 48.76 17.53
C LEU A 214 17.35 47.61 18.44
N PHE A 215 16.33 46.89 18.90
CA PHE A 215 16.49 45.65 19.62
C PHE A 215 16.96 44.54 18.69
N PHE A 216 16.45 44.49 17.46
CA PHE A 216 16.90 43.54 16.44
C PHE A 216 17.37 44.39 15.30
N PRO A 217 18.26 43.86 14.44
CA PRO A 217 18.47 44.62 13.20
C PRO A 217 17.21 44.55 12.34
N LEU A 218 16.99 45.53 11.48
CA LEU A 218 15.76 45.60 10.67
C LEU A 218 15.48 44.34 9.85
N GLU A 219 16.48 43.82 9.15
CA GLU A 219 16.35 42.55 8.45
C GLU A 219 15.52 41.52 9.26
N GLU A 220 15.92 41.32 10.52
CA GLU A 220 15.33 40.31 11.40
C GLU A 220 13.93 40.65 11.86
N LEU A 221 13.72 41.91 12.21
CA LEU A 221 12.41 42.35 12.63
C LEU A 221 11.42 42.13 11.50
N GLN A 222 11.88 42.23 10.26
CA GLN A 222 11.05 41.95 9.13
C GLN A 222 10.76 40.47 8.94
N ASN A 223 11.46 39.64 9.69
CA ASN A 223 11.22 38.20 9.65
C ASN A 223 10.40 37.77 10.85
N ILE A 224 10.43 38.56 11.91
CA ILE A 224 9.52 38.33 13.01
C ILE A 224 8.12 38.74 12.60
N PHE A 225 7.95 39.90 11.98
CA PHE A 225 6.64 40.39 11.50
C PHE A 225 6.62 40.58 9.99
N PRO A 226 6.55 39.47 9.23
CA PRO A 226 6.78 39.44 7.80
C PRO A 226 6.01 40.34 6.84
N SER A 227 4.94 41.00 7.24
CA SER A 227 4.53 42.11 6.40
C SER A 227 3.54 42.97 7.06
N LEU A 228 3.83 43.28 8.32
CA LEU A 228 2.82 43.83 9.16
C LEU A 228 2.10 44.93 8.40
N ASP A 229 2.82 45.93 7.88
CA ASP A 229 2.23 47.07 7.19
C ASP A 229 1.24 46.73 6.09
N GLU A 230 1.60 45.83 5.20
CA GLU A 230 0.74 45.54 4.07
C GLU A 230 -0.35 44.59 4.49
N LEU A 231 -0.09 43.80 5.52
CA LEU A 231 -1.11 42.93 6.08
C LEU A 231 -2.22 43.76 6.72
N ILE A 232 -1.84 44.83 7.38
CA ILE A 232 -2.81 45.76 7.94
C ILE A 232 -3.70 46.30 6.81
N GLU A 233 -3.06 46.79 5.75
CA GLU A 233 -3.76 47.31 4.61
C GLU A 233 -4.75 46.37 3.89
N VAL A 234 -4.49 45.07 3.80
CA VAL A 234 -5.44 44.16 3.12
C VAL A 234 -6.70 44.00 3.92
N HIS A 235 -6.57 43.95 5.23
CA HIS A 235 -7.75 43.82 6.05
C HIS A 235 -8.49 45.14 6.17
N SER A 236 -7.76 46.23 6.16
CA SER A 236 -8.36 47.54 6.20
C SER A 236 -9.11 47.80 4.93
N LEU A 237 -8.57 47.33 3.82
CA LEU A 237 -9.25 47.54 2.56
C LEU A 237 -10.54 46.73 2.51
N PHE A 238 -10.49 45.50 3.01
CA PHE A 238 -11.68 44.64 3.14
C PHE A 238 -12.72 45.30 4.05
N LEU A 239 -12.29 45.72 5.23
CA LEU A 239 -13.14 46.42 6.16
C LEU A 239 -13.80 47.64 5.50
N ASP A 240 -13.01 48.43 4.79
CA ASP A 240 -13.55 49.56 4.08
C ASP A 240 -14.67 49.21 3.09
N ARG A 241 -14.52 48.14 2.32
CA ARG A 241 -15.53 47.66 1.36
C ARG A 241 -16.87 47.29 2.03
N LEU A 242 -16.78 46.58 3.13
CA LEU A 242 -17.92 46.17 3.92
C LEU A 242 -18.66 47.33 4.55
N MET A 243 -17.94 48.34 5.03
CA MET A 243 -18.58 49.50 5.60
C MET A 243 -19.30 50.29 4.53
N LYS A 244 -18.59 50.67 3.49
CA LYS A 244 -19.22 51.31 2.35
C LYS A 244 -20.45 50.54 1.91
N ARG A 245 -20.34 49.25 1.69
CA ARG A 245 -21.53 48.50 1.29
C ARG A 245 -22.64 48.56 2.34
N ARG A 246 -22.30 48.45 3.61
CA ARG A 246 -23.30 48.56 4.65
C ARG A 246 -23.96 49.93 4.60
N GLN A 247 -23.12 50.95 4.53
CA GLN A 247 -23.54 52.35 4.53
C GLN A 247 -24.60 52.64 3.47
N GLU A 248 -24.53 51.98 2.33
CA GLU A 248 -25.46 52.23 1.26
C GLU A 248 -26.64 51.24 1.24
N SER A 249 -27.31 51.07 2.39
CA SER A 249 -28.52 50.24 2.49
C SER A 249 -29.53 50.82 3.48
N ILE A 253 -29.21 44.47 4.19
CA ILE A 253 -28.09 44.30 3.25
C ILE A 253 -28.38 43.17 2.32
N GLU A 254 -29.03 43.49 1.21
CA GLU A 254 -29.19 42.55 0.11
C GLU A 254 -27.93 42.76 -0.73
N GLU A 255 -27.39 41.68 -1.31
CA GLU A 255 -26.16 41.73 -2.12
C GLU A 255 -24.87 42.07 -1.37
N ILE A 256 -24.06 41.04 -1.12
CA ILE A 256 -22.75 41.21 -0.49
C ILE A 256 -21.69 40.38 -1.19
N GLY A 257 -22.11 39.50 -2.09
CA GLY A 257 -21.19 38.57 -2.74
C GLY A 257 -20.08 39.23 -3.52
N ASP A 258 -20.43 40.28 -4.26
CA ASP A 258 -19.46 40.95 -5.11
C ASP A 258 -18.34 41.54 -4.26
N VAL A 259 -18.67 41.91 -3.02
CA VAL A 259 -17.71 42.48 -2.08
C VAL A 259 -16.73 41.39 -1.67
N LEU A 260 -17.21 40.36 -0.99
CA LEU A 260 -16.44 39.15 -0.70
C LEU A 260 -15.52 38.70 -1.84
N LEU A 261 -16.03 38.64 -3.05
CA LEU A 261 -15.26 38.20 -4.20
C LEU A 261 -14.17 39.17 -4.57
N ALA A 262 -14.34 40.42 -4.15
CA ALA A 262 -13.38 41.47 -4.48
C ALA A 262 -12.11 41.41 -3.64
N ARG A 263 -12.13 40.70 -2.52
CA ARG A 263 -10.84 40.48 -1.89
C ARG A 263 -10.37 39.04 -1.74
N PHE A 264 -11.24 38.07 -1.97
CA PHE A 264 -10.84 36.71 -1.85
C PHE A 264 -10.64 36.02 -3.16
N ASP A 265 -11.08 36.61 -4.26
CA ASP A 265 -11.04 35.92 -5.55
C ASP A 265 -10.34 36.76 -6.59
N GLY A 266 -9.78 36.12 -7.60
CA GLY A 266 -9.08 36.81 -8.66
C GLY A 266 -7.73 37.35 -8.22
N ALA A 267 -7.37 38.50 -8.79
CA ALA A 267 -6.10 39.17 -8.52
C ALA A 267 -5.95 39.63 -7.08
N GLU A 268 -6.96 40.33 -6.54
CA GLU A 268 -6.86 40.78 -5.15
C GLU A 268 -6.82 39.59 -4.17
N GLY A 269 -7.41 38.45 -4.58
CA GLY A 269 -7.38 37.22 -3.82
C GLY A 269 -5.97 36.68 -3.70
N SER A 270 -5.27 36.63 -4.82
CA SER A 270 -3.89 36.17 -4.80
C SER A 270 -3.01 37.07 -3.97
N TRP A 271 -3.35 38.34 -3.88
CA TRP A 271 -2.54 39.24 -3.09
C TRP A 271 -2.77 38.98 -1.63
N PHE A 272 -4.04 38.91 -1.22
CA PHE A 272 -4.39 38.58 0.15
C PHE A 272 -3.77 37.27 0.63
N GLN A 273 -3.84 36.24 -0.21
CA GLN A 273 -3.15 35.01 0.08
C GLN A 273 -1.65 35.25 0.23
N LYS A 274 -1.05 35.94 -0.73
CA LYS A 274 0.38 36.24 -0.69
C LYS A 274 0.87 36.89 0.60
N ILE A 275 0.17 37.94 1.02
CA ILE A 275 0.57 38.76 2.15
C ILE A 275 0.26 38.09 3.47
N SER A 276 -0.97 37.61 3.58
CA SER A 276 -1.36 36.89 4.76
C SER A 276 -0.51 35.66 5.03
N SER A 277 -0.12 34.94 3.99
CA SER A 277 0.59 33.71 4.20
C SER A 277 2.02 33.97 4.58
N ARG A 278 2.64 35.04 4.07
CA ARG A 278 4.00 35.42 4.47
C ARG A 278 4.06 35.63 5.95
N PHE A 279 3.10 36.38 6.48
CA PHE A 279 3.06 36.66 7.91
C PHE A 279 2.84 35.44 8.76
N CYS A 280 2.03 34.50 8.29
CA CYS A 280 1.65 33.33 9.08
C CYS A 280 2.73 32.28 9.17
N SER A 281 3.45 32.09 8.08
CA SER A 281 4.53 31.12 7.99
C SER A 281 5.55 31.30 9.09
N ARG A 282 5.78 32.56 9.45
CA ARG A 282 6.84 32.90 10.39
C ARG A 282 6.37 33.03 11.84
N GLN A 283 5.15 32.57 12.09
CA GLN A 283 4.58 32.57 13.42
C GLN A 283 5.43 31.86 14.46
N SER A 284 5.84 30.62 14.15
CA SER A 284 6.65 29.81 15.07
C SER A 284 7.99 30.45 15.27
N PHE A 285 8.54 30.98 14.20
CA PHE A 285 9.81 31.63 14.21
C PHE A 285 9.70 32.80 15.15
N ALA A 286 8.84 33.74 14.81
CA ALA A 286 8.61 34.92 15.61
C ALA A 286 8.56 34.59 17.09
N LEU A 287 7.80 33.58 17.46
CA LEU A 287 7.54 33.33 18.87
C LEU A 287 8.78 32.81 19.58
N GLU A 288 9.49 31.86 18.98
CA GLU A 288 10.74 31.43 19.59
C GLU A 288 11.77 32.57 19.59
N GLN A 289 11.84 33.31 18.49
CA GLN A 289 12.69 34.49 18.37
C GLN A 289 12.45 35.57 19.42
N LEU A 290 11.20 35.84 19.73
CA LEU A 290 10.86 36.84 20.73
C LEU A 290 11.06 36.32 22.15
N LYS A 291 10.74 35.04 22.38
CA LYS A 291 10.94 34.42 23.68
C LYS A 291 12.42 34.40 24.03
N ALA A 292 13.27 34.07 23.08
CA ALA A 292 14.72 34.14 23.30
C ALA A 292 15.16 35.53 23.77
N LYS A 293 14.88 36.57 23.00
CA LYS A 293 15.31 37.91 23.39
C LYS A 293 14.72 38.36 24.70
N GLN A 294 13.56 37.82 25.07
CA GLN A 294 12.99 38.09 26.38
C GLN A 294 13.83 37.45 27.49
N ARG A 295 14.29 36.22 27.26
CA ARG A 295 15.04 35.51 28.28
C ARG A 295 16.49 35.95 28.38
N LYS A 296 17.11 36.31 27.27
CA LYS A 296 18.53 36.71 27.26
C LYS A 296 18.74 38.16 27.68
N ASP A 297 17.84 39.06 27.29
CA ASP A 297 18.06 40.49 27.45
C ASP A 297 17.03 41.09 28.39
N PRO A 298 17.47 41.54 29.57
CA PRO A 298 16.49 42.08 30.50
C PRO A 298 15.82 43.37 29.98
N ARG A 299 16.54 44.14 29.16
CA ARG A 299 15.99 45.40 28.64
C ARG A 299 14.79 45.18 27.73
N PHE A 300 14.85 44.13 26.94
CA PHE A 300 13.78 43.75 26.06
C PHE A 300 12.59 43.19 26.80
N CYS A 301 12.81 42.41 27.86
CA CYS A 301 11.71 41.84 28.67
C CYS A 301 10.91 42.93 29.38
N ALA A 302 11.60 43.91 29.93
CA ALA A 302 10.94 45.05 30.52
C ALA A 302 10.13 45.82 29.46
N PHE A 303 10.64 45.90 28.24
CA PHE A 303 9.99 46.64 27.17
C PHE A 303 8.66 46.03 26.81
N VAL A 304 8.67 44.70 26.71
CA VAL A 304 7.50 43.90 26.38
C VAL A 304 6.55 43.88 27.56
N GLN A 305 7.08 43.64 28.76
CA GLN A 305 6.28 43.68 29.96
C GLN A 305 5.43 44.95 29.94
N GLU A 306 6.07 46.06 29.60
CA GLU A 306 5.49 47.37 29.77
C GLU A 306 4.54 47.74 28.65
N ALA A 307 4.72 47.15 27.47
CA ALA A 307 3.81 47.37 26.36
C ALA A 307 2.57 46.50 26.52
N GLU A 308 2.77 45.26 26.95
CA GLU A 308 1.64 44.36 27.19
C GLU A 308 0.72 44.89 28.27
N SER A 309 1.18 45.88 29.04
CA SER A 309 0.37 46.44 30.11
C SER A 309 -0.45 47.65 29.65
N ARG A 310 -0.34 48.01 28.38
CA ARG A 310 -1.07 49.16 27.87
C ARG A 310 -2.51 48.77 27.63
N PRO A 311 -3.47 49.63 28.03
CA PRO A 311 -4.89 49.39 27.86
C PRO A 311 -5.27 48.91 26.45
N ARG A 312 -4.74 49.60 25.43
CA ARG A 312 -4.92 49.27 24.02
C ARG A 312 -4.67 47.80 23.66
N CYS A 313 -4.06 47.03 24.56
CA CYS A 313 -3.80 45.62 24.31
C CYS A 313 -5.01 44.75 24.52
N ARG A 314 -5.96 45.23 25.32
CA ARG A 314 -7.19 44.52 25.59
C ARG A 314 -6.90 43.16 26.18
N ARG A 315 -6.11 43.15 27.24
CA ARG A 315 -5.78 41.94 28.02
C ARG A 315 -5.09 40.79 27.26
N LEU A 316 -4.68 41.05 26.03
CA LEU A 316 -3.87 40.12 25.23
C LEU A 316 -2.38 40.32 25.44
N GLN A 317 -1.62 39.25 25.28
CA GLN A 317 -0.16 39.30 25.34
C GLN A 317 0.42 39.21 23.96
N LEU A 318 1.66 39.66 23.81
CA LEU A 318 2.28 39.64 22.51
C LEU A 318 2.18 38.25 21.92
N LYS A 319 2.33 37.25 22.78
CA LYS A 319 2.25 35.86 22.34
C LYS A 319 0.84 35.44 21.90
N ASP A 320 -0.17 36.24 22.25
CA ASP A 320 -1.55 35.95 21.91
C ASP A 320 -1.90 36.64 20.62
N MET A 321 -1.20 37.73 20.34
CA MET A 321 -1.54 38.55 19.18
C MET A 321 -1.08 37.91 17.89
N ILE A 322 0.20 37.62 17.83
CA ILE A 322 0.82 37.09 16.62
C ILE A 322 -0.04 35.99 15.96
N PRO A 323 -0.49 34.98 16.73
CA PRO A 323 -1.26 33.95 16.07
C PRO A 323 -2.68 34.31 15.70
N THR A 324 -3.02 35.60 15.61
CA THR A 324 -4.42 35.89 15.28
C THR A 324 -4.64 35.95 13.78
N GLU A 325 -3.62 36.33 13.03
CA GLU A 325 -3.79 36.33 11.59
C GLU A 325 -4.23 34.94 11.13
N MET A 326 -3.58 33.88 11.62
CA MET A 326 -4.05 32.53 11.37
C MET A 326 -5.52 32.31 11.77
N GLN A 327 -5.86 32.54 13.04
CA GLN A 327 -7.21 32.30 13.54
C GLN A 327 -8.23 32.99 12.68
N ARG A 328 -7.90 34.17 12.19
CA ARG A 328 -8.77 34.91 11.31
C ARG A 328 -9.07 34.07 10.08
N LEU A 329 -8.07 33.87 9.23
CA LEU A 329 -8.14 32.98 8.07
C LEU A 329 -9.06 31.76 8.19
N THR A 330 -9.12 31.19 9.38
CA THR A 330 -9.93 29.99 9.61
C THR A 330 -11.39 30.30 9.91
N LYS A 331 -11.67 31.55 10.28
CA LYS A 331 -13.02 31.94 10.59
C LYS A 331 -13.72 32.36 9.32
N TYR A 332 -12.95 32.70 8.28
CA TYR A 332 -13.53 33.16 7.02
C TYR A 332 -14.47 32.14 6.35
N PRO A 333 -14.05 30.87 6.19
CA PRO A 333 -15.02 30.00 5.58
C PRO A 333 -16.23 29.76 6.49
N LEU A 334 -16.00 29.58 7.79
CA LEU A 334 -17.08 29.42 8.74
C LEU A 334 -18.14 30.49 8.54
N LEU A 335 -17.71 31.75 8.47
CA LEU A 335 -18.61 32.90 8.37
C LEU A 335 -19.24 32.97 7.00
N LEU A 336 -18.43 32.81 5.97
CA LEU A 336 -18.92 32.93 4.63
C LEU A 336 -19.79 31.75 4.22
N GLN A 337 -19.49 30.57 4.77
CA GLN A 337 -20.29 29.33 4.58
C GLN A 337 -21.76 29.50 4.99
N SER A 338 -21.98 30.19 6.11
CA SER A 338 -23.33 30.38 6.62
C SER A 338 -24.00 31.67 6.17
N ILE A 339 -23.27 32.48 5.41
CA ILE A 339 -23.92 33.56 4.67
C ILE A 339 -24.49 32.97 3.40
N GLY A 340 -23.75 32.04 2.81
CA GLY A 340 -24.23 31.33 1.62
C GLY A 340 -25.48 30.50 1.87
N GLN A 341 -25.39 29.54 2.78
CA GLN A 341 -26.49 28.62 3.04
C GLN A 341 -27.75 29.33 3.50
N ASN A 342 -27.62 30.63 3.76
CA ASN A 342 -28.74 31.46 4.17
C ASN A 342 -29.17 32.49 3.11
N THR A 343 -28.70 32.32 1.88
CA THR A 343 -29.09 33.21 0.78
C THR A 343 -30.15 32.63 -0.15
N GLU A 344 -31.29 33.32 -0.17
CA GLU A 344 -32.51 32.91 -0.85
C GLU A 344 -32.40 33.04 -2.36
N GLU A 345 -31.50 33.90 -2.81
CA GLU A 345 -31.43 34.31 -4.20
C GLU A 345 -30.28 33.60 -4.90
N PRO A 346 -30.58 32.82 -5.97
CA PRO A 346 -29.63 31.92 -6.63
C PRO A 346 -28.33 32.56 -7.16
N THR A 347 -28.41 33.65 -7.93
CA THR A 347 -27.20 34.22 -8.57
C THR A 347 -26.27 34.87 -7.54
N GLU A 348 -26.83 35.26 -6.40
CA GLU A 348 -26.07 35.87 -5.27
C GLU A 348 -25.48 34.80 -4.34
N ARG A 349 -26.25 33.76 -4.07
CA ARG A 349 -25.78 32.57 -3.34
C ARG A 349 -24.56 31.94 -4.02
N GLU A 350 -24.54 31.95 -5.34
CA GLU A 350 -23.43 31.38 -6.10
C GLU A 350 -22.16 32.15 -5.89
N LYS A 351 -22.30 33.48 -5.76
CA LYS A 351 -21.20 34.42 -5.48
C LYS A 351 -20.59 34.20 -4.11
N VAL A 352 -21.41 34.29 -3.08
CA VAL A 352 -20.98 33.96 -1.72
C VAL A 352 -20.41 32.55 -1.64
N GLU A 353 -21.04 31.57 -2.29
CA GLU A 353 -20.50 30.20 -2.28
C GLU A 353 -19.07 30.12 -2.82
N LEU A 354 -18.84 30.68 -4.01
CA LEU A 354 -17.50 30.72 -4.58
C LEU A 354 -16.52 31.47 -3.67
N ALA A 355 -16.94 32.63 -3.16
CA ALA A 355 -16.14 33.43 -2.25
C ALA A 355 -15.67 32.61 -1.07
N ALA A 356 -16.58 31.85 -0.47
CA ALA A 356 -16.24 30.97 0.65
C ALA A 356 -15.33 29.86 0.18
N GLU A 357 -15.42 29.50 -1.09
CA GLU A 357 -14.59 28.45 -1.65
C GLU A 357 -13.16 28.94 -1.70
N CYS A 358 -13.00 30.22 -2.05
CA CYS A 358 -11.69 30.85 -2.13
C CYS A 358 -11.06 30.91 -0.77
N CYS A 359 -11.85 31.24 0.24
CA CYS A 359 -11.39 31.21 1.61
C CYS A 359 -10.87 29.87 2.07
N ARG A 360 -11.40 28.78 1.51
CA ARG A 360 -10.91 27.45 1.84
C ARG A 360 -9.63 27.16 1.10
N GLU A 361 -9.58 27.55 -0.17
CA GLU A 361 -8.37 27.48 -1.00
C GLU A 361 -7.23 28.29 -0.39
N ILE A 362 -7.56 29.43 0.18
CA ILE A 362 -6.60 30.30 0.85
C ILE A 362 -6.08 29.64 2.10
N LEU A 363 -6.97 29.21 2.99
CA LEU A 363 -6.61 28.49 4.20
C LEU A 363 -5.79 27.25 3.91
N HIS A 364 -6.08 26.57 2.82
CA HIS A 364 -5.31 25.39 2.50
C HIS A 364 -3.92 25.77 2.08
N HIS A 365 -3.78 26.80 1.28
CA HIS A 365 -2.47 27.27 0.79
C HIS A 365 -1.60 27.78 1.93
N VAL A 366 -2.25 28.43 2.90
CA VAL A 366 -1.56 29.05 4.01
C VAL A 366 -1.02 27.95 4.91
N ASN A 367 -1.89 27.09 5.39
CA ASN A 367 -1.48 25.96 6.21
C ASN A 367 -0.26 25.24 5.66
N GLN A 368 -0.20 25.10 4.34
CA GLN A 368 0.85 24.39 3.63
C GLN A 368 2.18 25.13 3.65
N ALA A 369 2.16 26.42 3.34
CA ALA A 369 3.39 27.21 3.37
C ALA A 369 3.81 27.58 4.78
N VAL A 370 2.93 27.32 5.74
CA VAL A 370 3.27 27.34 7.17
C VAL A 370 4.11 26.11 7.51
N ARG A 371 3.67 24.93 7.09
CA ARG A 371 4.43 23.72 7.35
C ARG A 371 5.67 23.68 6.49
N ASP A 372 5.63 24.32 5.33
CA ASP A 372 6.82 24.41 4.49
C ASP A 372 7.89 25.29 5.09
N MET A 373 7.48 26.27 5.89
CA MET A 373 8.42 27.14 6.58
C MET A 373 8.99 26.50 7.81
N GLU A 374 8.13 25.92 8.64
CA GLU A 374 8.60 25.23 9.83
C GLU A 374 9.64 24.17 9.49
N ASP A 375 9.35 23.35 8.47
CA ASP A 375 10.29 22.39 7.92
C ASP A 375 11.57 23.02 7.41
N LEU A 376 11.44 23.93 6.45
CA LEU A 376 12.61 24.55 5.87
C LEU A 376 13.57 25.07 6.95
N LEU A 377 13.11 25.97 7.80
CA LEU A 377 13.94 26.54 8.86
C LEU A 377 14.58 25.46 9.71
N ARG A 378 13.83 24.40 9.96
CA ARG A 378 14.36 23.32 10.74
C ARG A 378 15.45 22.61 9.98
N LEU A 379 15.20 22.29 8.72
CA LEU A 379 16.16 21.51 7.92
C LEU A 379 17.40 22.29 7.59
N LYS A 380 17.25 23.61 7.40
CA LYS A 380 18.37 24.51 7.19
C LYS A 380 19.27 24.45 8.41
N ASP A 381 18.67 24.43 9.59
CA ASP A 381 19.43 24.31 10.83
C ASP A 381 20.30 23.06 10.75
N TYR A 382 19.66 21.92 10.56
CA TYR A 382 20.42 20.68 10.49
C TYR A 382 21.52 20.70 9.40
N GLN A 383 21.18 21.20 8.21
CA GLN A 383 22.08 21.17 7.06
C GLN A 383 23.40 21.94 7.24
N ARG A 384 23.41 22.95 8.11
CA ARG A 384 24.67 23.62 8.44
C ARG A 384 25.33 22.99 9.67
N ARG A 385 24.57 22.11 10.34
CA ARG A 385 25.02 21.42 11.54
C ARG A 385 25.50 20.02 11.22
N LEU A 386 25.21 19.57 10.00
CA LEU A 386 25.61 18.27 9.50
C LEU A 386 27.13 18.08 9.64
N ASP A 387 27.59 16.84 9.77
CA ASP A 387 29.01 16.54 9.75
C ASP A 387 29.27 15.48 8.66
N LEU A 388 29.53 16.00 7.46
CA LEU A 388 29.64 15.26 6.19
C LEU A 388 30.96 14.48 5.91
N SER A 389 32.03 14.75 6.67
CA SER A 389 33.38 14.31 6.25
C SER A 389 33.55 12.76 6.14
N HIS A 390 32.60 12.02 6.72
CA HIS A 390 32.59 10.55 6.68
C HIS A 390 32.28 10.03 5.26
N LEU A 391 31.25 10.62 4.63
CA LEU A 391 30.89 10.27 3.25
C LEU A 391 31.89 10.79 2.21
N ARG A 392 32.34 12.04 2.36
CA ARG A 392 33.36 12.60 1.48
C ARG A 392 34.64 11.73 1.41
N GLN A 393 34.68 10.67 2.23
CA GLN A 393 35.92 9.91 2.44
C GLN A 393 35.95 8.45 1.94
N SER A 394 34.83 7.72 2.09
CA SER A 394 34.80 6.25 1.84
C SER A 394 35.21 5.83 0.40
N MET A 398 30.69 2.95 -3.43
CA MET A 398 29.47 3.07 -2.60
C MET A 398 29.09 4.52 -2.42
N LEU A 399 27.96 4.78 -1.75
CA LEU A 399 27.57 6.06 -1.10
C LEU A 399 27.92 7.43 -1.68
N SER A 400 28.78 7.50 -2.69
CA SER A 400 29.26 8.80 -3.18
C SER A 400 28.16 9.58 -3.91
N GLU A 401 26.92 9.11 -3.77
CA GLU A 401 25.78 9.85 -4.30
C GLU A 401 25.42 11.02 -3.39
N PHE A 402 25.50 10.83 -2.06
CA PHE A 402 25.40 11.96 -1.11
C PHE A 402 26.76 12.29 -0.51
N LYS A 403 27.43 13.31 -1.04
CA LYS A 403 28.84 13.58 -0.62
C LYS A 403 29.13 14.64 0.48
N ASN A 404 28.48 15.82 0.58
CA ASN A 404 27.71 16.62 -0.43
C ASN A 404 26.16 16.56 -0.49
N LEU A 405 25.58 15.80 0.45
CA LEU A 405 24.14 15.66 0.65
C LEU A 405 23.43 16.93 1.09
N ASP A 406 22.49 17.41 0.29
CA ASP A 406 21.72 18.62 0.65
C ASP A 406 20.30 18.23 1.06
N ILE A 407 19.90 18.68 2.25
CA ILE A 407 18.57 18.31 2.76
C ILE A 407 17.54 19.47 2.95
N THR A 408 17.95 20.69 2.62
CA THR A 408 17.09 21.85 2.84
C THR A 408 15.82 21.82 1.99
N LYS A 409 15.88 21.18 0.81
CA LYS A 409 14.72 21.10 -0.08
C LYS A 409 14.08 19.72 -0.06
N LYS A 410 13.89 19.19 1.13
CA LYS A 410 13.27 17.87 1.28
C LYS A 410 12.16 18.00 2.31
N LYS A 411 11.23 17.05 2.28
CA LYS A 411 10.07 17.13 3.13
C LYS A 411 10.36 16.32 4.36
N LEU A 412 10.25 16.95 5.52
CA LEU A 412 10.47 16.22 6.74
C LEU A 412 9.16 15.58 7.18
N VAL A 413 9.07 14.27 6.98
CA VAL A 413 7.89 13.46 7.30
C VAL A 413 7.80 13.26 8.80
N HIS A 414 8.94 12.99 9.42
CA HIS A 414 9.00 12.77 10.86
C HIS A 414 10.44 12.83 11.38
N GLU A 415 10.60 13.07 12.69
CA GLU A 415 11.90 12.94 13.34
C GLU A 415 11.75 12.41 14.77
N GLY A 416 12.87 12.14 15.45
CA GLY A 416 12.78 11.62 16.81
C GLY A 416 14.04 10.97 17.38
N PRO A 417 14.16 11.00 18.73
CA PRO A 417 15.25 10.29 19.42
C PRO A 417 15.05 8.80 19.28
N LEU A 418 16.15 8.06 19.30
CA LEU A 418 16.06 6.63 19.11
C LEU A 418 17.37 5.92 19.41
N THR A 419 17.28 4.73 19.98
CA THR A 419 18.47 3.94 20.26
C THR A 419 18.59 2.90 19.16
N TRP A 420 19.81 2.64 18.73
CA TRP A 420 20.06 1.92 17.50
C TRP A 420 21.12 0.82 17.73
N ARG A 421 20.62 -0.40 17.96
CA ARG A 421 21.44 -1.55 18.28
C ARG A 421 22.20 -1.99 17.06
N VAL A 422 23.48 -1.68 17.10
CA VAL A 422 24.39 -1.93 16.01
C VAL A 422 24.96 -3.37 16.13
N THR A 423 25.03 -3.91 17.35
CA THR A 423 25.07 -5.38 17.61
C THR A 423 24.46 -5.72 18.98
N LYS A 424 24.62 -6.98 19.38
CA LYS A 424 24.36 -7.44 20.73
C LYS A 424 25.27 -6.68 21.70
N VAL A 428 24.24 2.62 20.61
CA VAL A 428 24.40 3.86 19.83
C VAL A 428 23.15 4.76 19.90
N GLU A 429 23.32 5.94 20.50
CA GLU A 429 22.24 6.94 20.59
C GLU A 429 22.21 7.78 19.33
N VAL A 430 21.01 7.99 18.79
CA VAL A 430 20.90 8.50 17.44
C VAL A 430 19.64 9.37 17.27
N HIS A 431 19.72 10.36 16.38
CA HIS A 431 18.57 11.20 16.05
C HIS A 431 18.15 10.97 14.61
N VAL A 432 17.02 10.29 14.39
CA VAL A 432 16.63 9.85 13.05
C VAL A 432 15.75 10.88 12.42
N LEU A 433 15.97 11.17 11.13
CA LEU A 433 15.00 11.97 10.34
C LEU A 433 14.42 11.15 9.23
N LEU A 434 13.12 11.03 9.22
CA LEU A 434 12.47 10.35 8.14
C LEU A 434 12.07 11.41 7.17
N LEU A 435 12.82 11.52 6.08
CA LEU A 435 12.46 12.37 4.96
C LEU A 435 11.55 11.65 3.97
N ASP A 436 11.04 12.41 3.01
CA ASP A 436 10.16 11.90 1.96
C ASP A 436 10.74 10.76 1.12
N ASP A 437 12.06 10.49 1.24
CA ASP A 437 12.69 9.41 0.47
C ASP A 437 13.96 8.79 1.10
N LEU A 438 14.55 9.49 2.06
CA LEU A 438 15.75 9.03 2.75
C LEU A 438 15.48 8.81 4.19
N LEU A 439 16.15 7.83 4.77
CA LEU A 439 16.22 7.81 6.20
C LEU A 439 17.66 8.09 6.66
N LEU A 440 17.83 9.07 7.54
CA LEU A 440 19.14 9.45 8.05
C LEU A 440 19.17 9.13 9.51
N LEU A 441 20.22 8.43 9.94
CA LEU A 441 20.49 8.17 11.36
C LEU A 441 21.67 9.03 11.80
N LEU A 442 21.38 10.13 12.48
CA LEU A 442 22.37 11.13 12.81
C LEU A 442 22.85 10.94 14.24
N GLN A 443 24.17 10.90 14.43
CA GLN A 443 24.79 10.89 15.76
C GLN A 443 24.84 12.31 16.30
N ARG A 444 24.61 12.44 17.60
CA ARG A 444 24.58 13.75 18.24
C ARG A 444 25.83 13.97 19.11
N GLN A 445 26.79 14.71 18.55
CA GLN A 445 28.08 14.99 19.19
C GLN A 445 28.28 16.51 19.23
N ASP A 446 28.07 17.08 20.42
CA ASP A 446 27.79 18.52 20.60
C ASP A 446 26.83 19.08 19.51
N GLU A 447 27.03 20.34 19.10
CA GLU A 447 26.15 20.99 18.10
C GLU A 447 26.00 20.12 16.86
N ARG A 448 27.12 19.54 16.41
CA ARG A 448 27.18 18.82 15.13
C ARG A 448 26.26 17.59 15.12
N LEU A 449 25.97 17.13 13.90
CA LEU A 449 25.23 15.90 13.64
C LEU A 449 26.08 15.03 12.70
N LEU A 450 26.67 13.97 13.24
CA LEU A 450 27.53 13.07 12.46
C LEU A 450 26.71 11.91 11.86
N LEU A 451 26.92 11.65 10.57
CA LEU A 451 26.43 10.44 9.93
C LEU A 451 27.57 9.43 9.91
N LYS A 452 27.67 8.64 10.98
CA LYS A 452 28.75 7.67 11.11
C LYS A 452 28.29 6.37 10.48
N SER A 453 28.99 5.98 9.42
CA SER A 453 28.62 4.81 8.60
C SER A 453 29.02 3.52 9.31
N HIS A 454 28.61 3.34 10.56
CA HIS A 454 29.20 2.29 11.41
C HIS A 454 28.60 0.89 11.45
N MET A 467 30.66 -1.01 8.33
CA MET A 467 29.79 -1.81 7.43
C MET A 467 28.30 -1.34 7.26
N LEU A 468 27.70 -0.70 8.27
CA LEU A 468 26.30 -0.28 8.15
C LEU A 468 26.21 1.18 7.73
N ARG A 469 25.33 1.49 6.80
CA ARG A 469 25.21 2.87 6.33
C ARG A 469 24.38 3.74 7.31
N PRO A 470 24.64 5.06 7.35
CA PRO A 470 23.75 5.90 8.15
C PRO A 470 22.70 6.59 7.27
N VAL A 471 22.95 6.68 5.97
CA VAL A 471 21.96 7.14 5.00
C VAL A 471 21.33 5.91 4.30
N LEU A 472 20.02 6.00 4.03
CA LEU A 472 19.22 4.89 3.54
C LEU A 472 18.12 5.36 2.59
N ARG A 473 18.13 4.89 1.33
CA ARG A 473 17.07 5.24 0.37
C ARG A 473 15.85 4.39 0.76
N LEU A 474 14.67 5.01 0.88
CA LEU A 474 13.50 4.29 1.39
C LEU A 474 12.77 3.36 0.42
N THR A 475 13.05 3.43 -0.87
CA THR A 475 12.18 2.81 -1.87
C THR A 475 12.25 1.28 -1.89
N SER A 476 12.93 0.70 -0.91
CA SER A 476 12.99 -0.75 -0.73
C SER A 476 12.90 -1.13 0.76
N ALA A 477 12.73 -0.09 1.60
CA ALA A 477 12.58 -0.20 3.05
C ALA A 477 11.40 -1.07 3.43
N MET A 478 11.39 -1.52 4.68
CA MET A 478 10.34 -2.39 5.20
C MET A 478 10.56 -2.53 6.71
N THR A 479 9.48 -2.65 7.49
CA THR A 479 9.64 -2.80 8.94
C THR A 479 9.05 -4.09 9.49
N ARG A 480 9.59 -4.53 10.63
CA ARG A 480 9.10 -5.69 11.38
C ARG A 480 9.18 -5.44 12.88
N GLU A 481 8.28 -6.03 13.66
CA GLU A 481 8.41 -6.01 15.11
C GLU A 481 9.57 -6.86 15.56
N VAL A 482 10.06 -6.64 16.77
CA VAL A 482 11.00 -7.56 17.39
C VAL A 482 10.28 -8.30 18.49
N ALA A 483 10.25 -9.63 18.40
CA ALA A 483 9.47 -10.47 19.32
C ALA A 483 9.91 -10.34 20.78
N THR A 484 11.21 -10.24 21.00
CA THR A 484 11.79 -10.18 22.33
C THR A 484 12.23 -8.74 22.61
N ASP A 485 11.25 -7.83 22.65
CA ASP A 485 11.49 -6.39 22.84
C ASP A 485 10.37 -5.59 22.15
N HIS A 486 9.30 -5.31 22.89
CA HIS A 486 8.13 -4.66 22.30
C HIS A 486 8.37 -3.17 22.03
N LYS A 487 9.57 -2.70 22.38
CA LYS A 487 9.96 -1.31 22.15
C LYS A 487 10.92 -1.18 20.97
N ALA A 488 11.30 -2.32 20.38
CA ALA A 488 12.26 -2.38 19.27
C ALA A 488 11.63 -2.89 17.98
N PHE A 489 12.10 -2.36 16.86
CA PHE A 489 11.71 -2.84 15.51
C PHE A 489 12.92 -3.02 14.59
N TYR A 490 12.72 -3.80 13.51
CA TYR A 490 13.70 -3.95 12.41
C TYR A 490 13.31 -3.14 11.16
N VAL A 491 14.33 -2.69 10.41
CA VAL A 491 14.17 -2.07 9.10
C VAL A 491 15.09 -2.75 8.09
N LEU A 492 14.60 -3.01 6.88
CA LEU A 492 15.34 -3.85 5.95
C LEU A 492 15.21 -3.21 4.62
N PHE A 493 16.20 -3.38 3.76
CA PHE A 493 16.16 -2.74 2.45
C PHE A 493 16.33 -3.69 1.24
N THR A 494 15.19 -4.19 0.77
CA THR A 494 15.13 -5.23 -0.29
C THR A 494 15.76 -4.78 -1.61
N GLU A 498 21.61 -5.53 0.37
CA GLU A 498 21.98 -6.94 0.49
C GLU A 498 21.69 -7.50 1.86
N ALA A 499 20.86 -6.76 2.62
CA ALA A 499 20.25 -7.18 3.88
C ALA A 499 21.25 -7.23 5.00
N GLN A 500 21.63 -6.10 5.60
CA GLN A 500 20.85 -4.87 5.76
C GLN A 500 19.78 -5.08 6.82
N ILE A 501 20.15 -5.13 8.09
CA ILE A 501 19.18 -5.03 9.19
C ILE A 501 19.53 -4.00 10.24
N TYR A 502 18.62 -3.03 10.37
CA TYR A 502 18.73 -1.91 11.32
C TYR A 502 17.76 -2.14 12.48
N GLU A 503 18.30 -2.38 13.66
CA GLU A 503 17.46 -2.59 14.83
C GLU A 503 17.38 -1.27 15.58
N LEU A 504 16.17 -0.74 15.71
CA LEU A 504 16.01 0.56 16.34
C LEU A 504 15.00 0.48 17.47
N VAL A 505 15.47 0.69 18.69
CA VAL A 505 14.58 0.68 19.86
C VAL A 505 14.15 2.09 20.31
N ALA A 506 12.83 2.22 20.51
CA ALA A 506 12.20 3.44 21.01
C ALA A 506 12.15 3.46 22.56
N GLN A 507 11.72 4.59 23.13
CA GLN A 507 11.53 4.71 24.58
C GLN A 507 10.21 4.13 25.04
N THR A 508 9.22 4.13 24.15
CA THR A 508 7.98 3.40 24.41
C THR A 508 7.46 2.57 23.24
N VAL A 509 6.45 1.74 23.52
CA VAL A 509 5.83 0.86 22.54
C VAL A 509 5.11 1.67 21.46
N SER A 510 4.20 2.54 21.90
CA SER A 510 3.40 3.41 21.04
C SER A 510 4.24 4.27 20.10
N GLU A 511 5.39 4.73 20.59
CA GLU A 511 6.39 5.38 19.75
C GLU A 511 6.78 4.49 18.57
N ARG A 512 7.38 3.34 18.86
CA ARG A 512 7.87 2.45 17.80
C ARG A 512 6.76 1.91 16.89
N LYS A 513 5.57 1.72 17.45
CA LYS A 513 4.39 1.37 16.65
C LYS A 513 4.16 2.45 15.60
N ASN A 514 4.12 3.70 16.07
CA ASN A 514 4.01 4.86 15.22
C ASN A 514 5.12 4.92 14.16
N TRP A 515 6.35 4.71 14.60
CA TRP A 515 7.51 4.77 13.71
C TRP A 515 7.41 3.85 12.49
N CYS A 516 7.10 2.57 12.75
CA CYS A 516 6.92 1.56 11.68
C CYS A 516 5.79 1.94 10.74
N ALA A 517 4.72 2.50 11.30
CA ALA A 517 3.58 2.93 10.51
C ALA A 517 4.03 4.04 9.58
N LEU A 518 4.76 5.02 10.12
CA LEU A 518 5.22 6.16 9.30
C LEU A 518 6.21 5.79 8.19
N ILE A 519 7.20 4.98 8.52
CA ILE A 519 8.15 4.50 7.51
C ILE A 519 7.46 3.69 6.38
N THR A 520 6.74 2.63 6.73
CA THR A 520 6.05 1.81 5.72
C THR A 520 5.12 2.63 4.84
N GLU A 521 4.57 3.71 5.41
CA GLU A 521 3.66 4.61 4.70
C GLU A 521 4.40 5.41 3.65
N THR A 522 5.58 5.91 4.03
CA THR A 522 6.42 6.80 3.22
C THR A 522 7.15 6.04 2.15
N ALA A 523 7.71 4.91 2.53
CA ALA A 523 8.31 4.01 1.56
C ALA A 523 7.26 3.68 0.49
N GLY A 524 6.11 3.16 0.94
CA GLY A 524 4.93 2.96 0.09
C GLY A 524 4.49 4.16 -0.75
N SER A 525 4.56 5.38 -0.20
CA SER A 525 4.30 6.64 -0.94
C SER A 525 5.12 6.80 -2.22
N LEU A 526 6.15 5.94 -2.40
CA LEU A 526 7.18 6.13 -3.44
C LEU A 526 7.07 5.18 -4.65
N LYS A 527 7.04 5.77 -5.84
CA LYS A 527 6.84 5.04 -7.07
C LYS A 527 8.07 4.23 -7.48
N VAL A 528 7.82 3.01 -7.96
CA VAL A 528 8.85 2.08 -8.42
C VAL A 528 9.23 2.30 -9.91
N PRO A 529 10.52 2.64 -10.17
CA PRO A 529 11.01 2.72 -11.56
C PRO A 529 11.21 1.36 -12.21
N PRO B 175 36.63 -17.58 0.00
CA PRO B 175 36.54 -18.57 -1.12
C PRO B 175 35.20 -18.46 -1.87
N LYS B 176 35.21 -18.64 -3.20
CA LYS B 176 33.97 -18.52 -4.04
C LYS B 176 32.76 -19.16 -3.35
N SER B 177 32.93 -20.41 -2.94
CA SER B 177 31.89 -21.09 -2.15
C SER B 177 31.45 -20.38 -0.83
N GLN B 178 32.12 -19.30 -0.43
CA GLN B 178 31.50 -18.39 0.53
C GLN B 178 30.73 -17.27 -0.16
N VAL B 179 31.35 -16.60 -1.14
CA VAL B 179 30.65 -15.54 -1.85
C VAL B 179 29.23 -16.02 -2.17
N LYS B 180 29.09 -17.13 -2.92
CA LYS B 180 27.74 -17.62 -3.28
C LYS B 180 26.90 -17.81 -2.02
N ARG B 181 27.40 -18.65 -1.10
CA ARG B 181 26.70 -18.93 0.14
C ARG B 181 26.21 -17.64 0.86
N GLN B 182 27.00 -16.57 0.86
CA GLN B 182 26.51 -15.32 1.41
C GLN B 182 25.42 -14.71 0.54
N GLU B 183 25.77 -14.44 -0.72
CA GLU B 183 24.86 -13.84 -1.66
C GLU B 183 23.52 -14.56 -1.55
N VAL B 184 23.49 -15.85 -1.84
CA VAL B 184 22.23 -16.58 -1.82
C VAL B 184 21.46 -16.53 -0.50
N ILE B 185 22.08 -16.94 0.62
CA ILE B 185 21.45 -16.68 1.92
C ILE B 185 20.88 -15.27 1.95
N SER B 186 21.57 -14.30 1.35
CA SER B 186 20.92 -13.00 1.26
C SER B 186 19.70 -12.93 0.33
N GLU B 187 19.88 -13.28 -0.94
CA GLU B 187 18.77 -13.30 -1.89
C GLU B 187 17.56 -13.88 -1.17
N LEU B 188 17.79 -14.94 -0.39
CA LEU B 188 16.71 -15.67 0.26
C LEU B 188 15.96 -14.77 1.21
N LEU B 189 16.71 -14.03 2.01
CA LEU B 189 16.12 -13.10 2.97
C LEU B 189 15.39 -11.92 2.26
N VAL B 190 16.04 -11.32 1.28
CA VAL B 190 15.51 -10.13 0.70
C VAL B 190 14.25 -10.37 -0.13
N THR B 191 14.21 -11.52 -0.79
CA THR B 191 13.05 -11.86 -1.64
C THR B 191 11.87 -12.37 -0.80
N GLU B 192 12.18 -12.85 0.42
CA GLU B 192 11.19 -13.30 1.39
C GLU B 192 10.47 -12.11 1.99
N ALA B 193 11.27 -11.15 2.46
CA ALA B 193 10.80 -9.80 2.78
C ALA B 193 9.93 -9.19 1.64
N ALA B 194 10.44 -9.14 0.41
CA ALA B 194 9.65 -8.63 -0.70
C ALA B 194 8.31 -9.37 -0.86
N HIS B 195 8.31 -10.65 -0.50
CA HIS B 195 7.14 -11.47 -0.66
C HIS B 195 6.17 -11.09 0.46
N VAL B 196 6.67 -11.03 1.69
CA VAL B 196 5.76 -10.67 2.76
C VAL B 196 5.20 -9.28 2.49
N ARG B 197 5.98 -8.41 1.87
CA ARG B 197 5.44 -7.09 1.61
C ARG B 197 4.20 -7.12 0.70
N MET B 198 4.28 -7.83 -0.41
CA MET B 198 3.19 -7.64 -1.32
C MET B 198 2.00 -8.50 -0.97
N LEU B 199 2.27 -9.65 -0.38
CA LEU B 199 1.19 -10.35 0.32
C LEU B 199 0.37 -9.36 1.18
N ARG B 200 1.04 -8.45 1.86
CA ARG B 200 0.35 -7.44 2.63
C ARG B 200 -0.36 -6.39 1.79
N VAL B 201 0.20 -6.08 0.63
CA VAL B 201 -0.48 -5.22 -0.32
C VAL B 201 -1.77 -5.85 -0.78
N LEU B 202 -1.66 -7.10 -1.21
CA LEU B 202 -2.78 -7.84 -1.73
C LEU B 202 -3.87 -7.88 -0.68
N HIS B 203 -3.48 -8.11 0.57
CA HIS B 203 -4.41 -8.03 1.73
C HIS B 203 -4.98 -6.66 1.95
N ASP B 204 -4.09 -5.67 2.03
CA ASP B 204 -4.49 -4.29 2.39
C ASP B 204 -5.34 -3.58 1.33
N LEU B 205 -4.88 -3.56 0.09
CA LEU B 205 -5.55 -2.83 -0.96
C LEU B 205 -6.64 -3.60 -1.65
N PHE B 206 -6.65 -4.93 -1.50
CA PHE B 206 -7.67 -5.72 -2.18
C PHE B 206 -8.64 -6.53 -1.28
N PHE B 207 -8.13 -7.42 -0.45
CA PHE B 207 -8.98 -8.33 0.27
C PHE B 207 -9.76 -7.64 1.38
N GLN B 208 -9.06 -6.92 2.23
CA GLN B 208 -9.66 -6.11 3.27
C GLN B 208 -10.79 -5.22 2.74
N PRO B 209 -10.46 -4.31 1.79
CA PRO B 209 -11.43 -3.35 1.22
C PRO B 209 -12.63 -4.00 0.54
N MET B 210 -12.42 -5.11 -0.17
CA MET B 210 -13.52 -5.86 -0.78
C MET B 210 -14.44 -6.43 0.26
N ALA B 211 -13.92 -6.72 1.44
CA ALA B 211 -14.73 -7.36 2.46
C ALA B 211 -15.61 -6.26 3.01
N GLU B 212 -14.97 -5.13 3.28
CA GLU B 212 -15.62 -3.90 3.74
C GLU B 212 -16.69 -3.38 2.76
N CYS B 213 -16.52 -3.62 1.46
CA CYS B 213 -17.45 -3.12 0.43
C CYS B 213 -18.58 -4.03 0.06
N LEU B 214 -18.52 -5.28 0.53
CA LEU B 214 -19.54 -6.29 0.26
C LEU B 214 -19.68 -6.63 -1.24
N PHE B 215 -18.57 -6.66 -1.94
CA PHE B 215 -18.60 -7.09 -3.34
C PHE B 215 -18.95 -8.59 -3.54
N PHE B 216 -18.57 -9.46 -2.58
CA PHE B 216 -19.04 -10.85 -2.55
C PHE B 216 -19.32 -11.18 -1.12
N PRO B 217 -20.29 -12.08 -0.87
CA PRO B 217 -20.43 -12.46 0.54
C PRO B 217 -19.13 -13.13 1.05
N LEU B 218 -18.81 -12.87 2.32
CA LEU B 218 -17.58 -13.39 2.96
C LEU B 218 -17.27 -14.87 2.60
N GLU B 219 -18.27 -15.76 2.71
CA GLU B 219 -18.08 -17.15 2.26
C GLU B 219 -17.13 -17.18 1.09
N GLU B 220 -17.46 -16.44 0.02
CA GLU B 220 -16.78 -16.65 -1.28
C GLU B 220 -15.51 -15.85 -1.41
N LEU B 221 -15.50 -14.67 -0.79
CA LEU B 221 -14.29 -13.89 -0.73
C LEU B 221 -13.26 -14.80 -0.14
N GLN B 222 -13.69 -15.59 0.85
CA GLN B 222 -12.80 -16.48 1.52
C GLN B 222 -12.34 -17.62 0.69
N ASN B 223 -13.13 -18.07 -0.28
CA ASN B 223 -12.45 -18.94 -1.23
C ASN B 223 -11.95 -18.32 -2.51
N ILE B 224 -12.06 -17.00 -2.65
CA ILE B 224 -11.20 -16.33 -3.64
C ILE B 224 -9.75 -16.27 -3.13
N PHE B 225 -9.53 -15.72 -1.94
CA PHE B 225 -8.21 -15.64 -1.30
C PHE B 225 -8.18 -16.57 -0.10
N PRO B 226 -7.78 -17.82 -0.28
CA PRO B 226 -8.09 -18.87 0.69
C PRO B 226 -7.46 -18.83 2.06
N SER B 227 -6.21 -18.49 2.27
CA SER B 227 -5.95 -18.20 3.69
C SER B 227 -5.08 -17.00 3.94
N LEU B 228 -5.48 -15.88 3.33
CA LEU B 228 -4.61 -14.75 3.21
C LEU B 228 -4.01 -14.39 4.57
N ASP B 229 -4.84 -14.28 5.62
CA ASP B 229 -4.31 -13.87 6.93
C ASP B 229 -3.23 -14.82 7.41
N GLU B 230 -3.53 -16.12 7.46
CA GLU B 230 -2.54 -17.09 7.93
C GLU B 230 -1.33 -17.26 7.02
N LEU B 231 -1.56 -17.16 5.71
CA LEU B 231 -0.48 -17.21 4.72
C LEU B 231 0.58 -16.13 5.01
N ILE B 232 0.13 -14.88 5.23
CA ILE B 232 1.03 -13.79 5.62
C ILE B 232 1.83 -14.12 6.90
N GLU B 233 1.17 -14.62 7.93
CA GLU B 233 1.90 -15.14 9.09
C GLU B 233 3.06 -16.08 8.73
N VAL B 234 2.76 -17.28 8.22
CA VAL B 234 3.79 -18.29 7.98
C VAL B 234 5.00 -17.70 7.30
N HIS B 235 4.79 -16.86 6.29
CA HIS B 235 5.92 -16.26 5.58
C HIS B 235 6.61 -15.23 6.45
N SER B 236 5.82 -14.32 7.04
CA SER B 236 6.29 -13.41 8.09
C SER B 236 7.08 -14.08 9.21
N LEU B 237 6.55 -15.17 9.73
CA LEU B 237 7.31 -15.90 10.75
C LEU B 237 8.71 -16.28 10.22
N PHE B 238 8.77 -16.82 8.99
CA PHE B 238 10.01 -17.23 8.33
C PHE B 238 10.97 -16.04 8.17
N LEU B 239 10.43 -14.93 7.68
CA LEU B 239 11.16 -13.69 7.56
C LEU B 239 11.72 -13.32 8.93
N ASP B 240 10.92 -13.46 9.98
CA ASP B 240 11.40 -13.12 11.33
C ASP B 240 12.57 -13.99 11.79
N ARG B 241 12.41 -15.32 11.71
CA ARG B 241 13.55 -16.28 11.82
C ARG B 241 14.86 -15.91 11.08
N LEU B 242 14.76 -15.55 9.80
CA LEU B 242 15.97 -15.21 9.08
C LEU B 242 16.63 -13.97 9.64
N MET B 243 15.86 -12.92 9.89
CA MET B 243 16.48 -11.67 10.30
C MET B 243 17.20 -11.87 11.60
N LYS B 244 16.48 -12.35 12.59
CA LYS B 244 17.04 -12.65 13.90
C LYS B 244 18.44 -13.27 13.68
N ARG B 245 18.48 -14.36 12.93
CA ARG B 245 19.73 -15.02 12.63
C ARG B 245 20.72 -14.03 12.07
N ARG B 246 20.40 -13.48 10.92
CA ARG B 246 21.26 -12.50 10.30
C ARG B 246 21.71 -11.45 11.32
N GLN B 247 20.73 -10.81 11.96
CA GLN B 247 20.95 -9.87 13.07
C GLN B 247 22.02 -10.32 14.07
N GLU B 248 22.04 -11.61 14.41
CA GLU B 248 22.99 -12.09 15.42
C GLU B 248 24.29 -12.69 14.83
N SER B 249 24.76 -12.18 13.70
CA SER B 249 26.07 -12.59 13.20
C SER B 249 26.87 -11.34 12.81
N ILE B 253 28.12 -15.27 7.96
CA ILE B 253 26.80 -15.91 8.27
C ILE B 253 26.78 -17.31 8.95
N GLU B 254 27.58 -18.25 8.44
CA GLU B 254 27.96 -19.51 9.13
C GLU B 254 26.87 -20.15 10.01
N GLU B 255 26.13 -21.12 9.46
CA GLU B 255 25.03 -21.80 10.18
C GLU B 255 23.63 -21.19 9.93
N ILE B 256 22.68 -22.01 9.47
CA ILE B 256 21.36 -21.55 9.02
C ILE B 256 20.39 -22.69 8.71
N GLY B 257 20.92 -23.89 8.50
CA GLY B 257 20.10 -25.09 8.31
C GLY B 257 18.95 -25.34 9.30
N ASP B 258 19.21 -25.03 10.57
CA ASP B 258 18.21 -25.17 11.62
C ASP B 258 17.03 -24.23 11.33
N VAL B 259 17.33 -22.97 11.03
CA VAL B 259 16.31 -21.97 10.74
C VAL B 259 15.35 -22.47 9.69
N LEU B 260 15.91 -22.73 8.49
CA LEU B 260 15.22 -23.43 7.40
C LEU B 260 14.38 -24.63 7.89
N LEU B 261 15.03 -25.59 8.53
CA LEU B 261 14.30 -26.77 9.01
C LEU B 261 13.11 -26.42 9.87
N ALA B 262 13.29 -25.40 10.74
CA ALA B 262 12.19 -24.87 11.62
C ALA B 262 10.96 -24.47 10.82
N ARG B 263 11.17 -23.96 9.61
CA ARG B 263 9.99 -23.71 8.82
C ARG B 263 9.47 -24.74 7.88
N PHE B 264 10.36 -25.49 7.24
CA PHE B 264 9.93 -26.39 6.17
C PHE B 264 9.74 -27.82 6.56
N ASP B 265 10.04 -28.16 7.80
CA ASP B 265 10.13 -29.55 8.18
C ASP B 265 9.45 -29.80 9.50
N GLY B 266 8.82 -30.95 9.65
CA GLY B 266 8.16 -31.27 10.90
C GLY B 266 6.77 -30.65 10.93
N ALA B 267 6.34 -30.33 12.15
CA ALA B 267 4.98 -29.79 12.36
C ALA B 267 4.82 -28.48 11.58
N GLU B 268 5.71 -27.52 11.85
CA GLU B 268 5.68 -26.24 11.16
C GLU B 268 5.70 -26.41 9.63
N GLY B 269 6.59 -27.27 9.13
CA GLY B 269 6.64 -27.55 7.70
C GLY B 269 5.26 -27.98 7.26
N SER B 270 4.78 -29.04 7.87
CA SER B 270 3.48 -29.53 7.52
C SER B 270 2.41 -28.46 7.47
N TRP B 271 2.49 -27.48 8.39
CA TRP B 271 1.49 -26.42 8.50
C TRP B 271 1.61 -25.44 7.30
N PHE B 272 2.81 -24.89 7.14
CA PHE B 272 3.18 -24.08 5.99
C PHE B 272 2.65 -24.66 4.67
N GLN B 273 2.89 -25.95 4.50
CA GLN B 273 2.40 -26.67 3.37
C GLN B 273 0.86 -26.58 3.25
N LYS B 274 0.16 -26.99 4.30
CA LYS B 274 -1.30 -26.89 4.32
C LYS B 274 -1.82 -25.49 4.02
N ILE B 275 -1.14 -24.46 4.53
CA ILE B 275 -1.63 -23.08 4.36
C ILE B 275 -1.39 -22.57 2.95
N SER B 276 -0.10 -22.60 2.58
CA SER B 276 0.27 -22.26 1.23
C SER B 276 -0.58 -23.00 0.21
N SER B 277 -0.70 -24.31 0.39
CA SER B 277 -1.29 -25.13 -0.65
C SER B 277 -2.74 -24.72 -0.87
N ARG B 278 -3.48 -24.49 0.24
CA ARG B 278 -4.89 -24.00 0.17
C ARG B 278 -5.03 -22.80 -0.73
N PHE B 279 -4.19 -21.82 -0.48
CA PHE B 279 -4.27 -20.58 -1.18
C PHE B 279 -3.90 -20.84 -2.60
N CYS B 280 -2.88 -21.68 -2.82
CA CYS B 280 -2.40 -21.96 -4.16
C CYS B 280 -3.41 -22.68 -5.03
N SER B 281 -4.14 -23.59 -4.42
CA SER B 281 -5.13 -24.37 -5.12
C SER B 281 -6.10 -23.46 -5.83
N ARG B 282 -6.66 -22.50 -5.10
CA ARG B 282 -7.77 -21.72 -5.68
C ARG B 282 -7.39 -20.62 -6.68
N GLN B 283 -6.14 -20.68 -7.14
CA GLN B 283 -5.58 -19.58 -7.88
C GLN B 283 -6.37 -19.26 -9.13
N SER B 284 -6.55 -20.24 -10.00
CA SER B 284 -7.25 -19.97 -11.26
C SER B 284 -8.76 -19.79 -11.05
N PHE B 285 -9.32 -20.42 -10.01
CA PHE B 285 -10.69 -20.09 -9.61
C PHE B 285 -10.80 -18.62 -9.21
N ALA B 286 -9.79 -18.13 -8.48
CA ALA B 286 -9.77 -16.75 -7.99
C ALA B 286 -9.81 -15.86 -9.17
N LEU B 287 -8.87 -16.04 -10.11
CA LEU B 287 -8.74 -15.12 -11.24
C LEU B 287 -10.04 -15.10 -12.02
N GLU B 288 -10.59 -16.29 -12.26
CA GLU B 288 -11.86 -16.44 -12.94
C GLU B 288 -12.93 -15.56 -12.30
N GLN B 289 -13.20 -15.82 -11.02
CA GLN B 289 -14.14 -15.03 -10.23
C GLN B 289 -13.91 -13.53 -10.30
N LEU B 290 -12.64 -13.14 -10.30
CA LEU B 290 -12.35 -11.74 -10.24
C LEU B 290 -12.71 -11.09 -11.58
N LYS B 291 -12.15 -11.63 -12.67
CA LYS B 291 -12.50 -11.18 -14.03
C LYS B 291 -14.03 -11.13 -14.29
N ALA B 292 -14.77 -12.14 -13.84
CA ALA B 292 -16.23 -12.10 -13.95
C ALA B 292 -16.85 -10.82 -13.35
N LYS B 293 -16.73 -10.65 -12.03
CA LYS B 293 -17.25 -9.45 -11.35
C LYS B 293 -16.72 -8.24 -12.09
N GLN B 294 -15.43 -8.20 -12.40
CA GLN B 294 -14.94 -7.08 -13.16
C GLN B 294 -15.75 -6.79 -14.42
N ARG B 295 -16.07 -7.82 -15.20
CA ARG B 295 -16.85 -7.59 -16.43
C ARG B 295 -18.34 -7.24 -16.14
N LYS B 296 -19.06 -8.15 -15.47
CA LYS B 296 -20.46 -7.93 -15.11
C LYS B 296 -20.76 -6.57 -14.40
N ASP B 297 -19.80 -6.01 -13.67
CA ASP B 297 -20.11 -4.93 -12.75
C ASP B 297 -19.12 -3.77 -12.81
N PRO B 298 -19.56 -2.61 -13.35
CA PRO B 298 -18.62 -1.49 -13.45
C PRO B 298 -18.13 -0.97 -12.09
N ARG B 299 -18.93 -1.07 -11.02
CA ARG B 299 -18.46 -0.52 -9.75
C ARG B 299 -17.20 -1.23 -9.25
N PHE B 300 -17.26 -2.57 -9.27
CA PHE B 300 -16.12 -3.39 -8.90
C PHE B 300 -15.00 -3.13 -9.85
N CYS B 301 -15.29 -2.98 -11.13
CA CYS B 301 -14.22 -2.71 -12.07
C CYS B 301 -13.41 -1.43 -11.75
N ALA B 302 -14.12 -0.32 -11.52
CA ALA B 302 -13.50 0.94 -11.14
C ALA B 302 -12.65 0.72 -9.89
N PHE B 303 -13.21 0.01 -8.92
CA PHE B 303 -12.57 -0.26 -7.64
C PHE B 303 -11.17 -0.81 -7.82
N VAL B 304 -11.11 -1.87 -8.62
CA VAL B 304 -9.88 -2.56 -8.89
C VAL B 304 -8.92 -1.67 -9.69
N GLN B 305 -9.40 -1.00 -10.73
CA GLN B 305 -8.52 -0.04 -11.46
C GLN B 305 -7.91 0.90 -10.44
N GLU B 306 -8.76 1.43 -9.57
CA GLU B 306 -8.33 2.42 -8.63
C GLU B 306 -7.41 1.90 -7.54
N ALA B 307 -7.53 0.61 -7.18
CA ALA B 307 -6.55 0.04 -6.27
C ALA B 307 -5.23 -0.25 -7.01
N GLU B 308 -5.33 -0.75 -8.24
CA GLU B 308 -4.13 -1.08 -9.02
C GLU B 308 -3.25 0.14 -9.33
N SER B 309 -3.81 1.33 -9.15
CA SER B 309 -3.09 2.58 -9.41
C SER B 309 -2.23 3.05 -8.22
N ARG B 310 -2.55 2.58 -7.02
CA ARG B 310 -1.82 3.01 -5.86
C ARG B 310 -0.36 2.57 -5.93
N PRO B 311 0.58 3.48 -5.56
CA PRO B 311 2.00 3.16 -5.57
C PRO B 311 2.34 1.81 -4.89
N ARG B 312 1.72 1.52 -3.73
CA ARG B 312 1.99 0.26 -3.00
C ARG B 312 1.96 -1.02 -3.89
N CYS B 313 1.37 -0.94 -5.07
CA CYS B 313 1.31 -2.10 -5.96
C CYS B 313 2.63 -2.39 -6.68
N ARG B 314 3.58 -1.44 -6.64
CA ARG B 314 4.81 -1.57 -7.43
C ARG B 314 4.57 -2.18 -8.83
N ARG B 315 3.71 -1.52 -9.61
CA ARG B 315 3.44 -1.91 -10.99
C ARG B 315 2.85 -3.30 -11.27
N LEU B 316 2.78 -4.19 -10.28
CA LEU B 316 1.93 -5.40 -10.39
C LEU B 316 0.41 -5.08 -10.44
N GLN B 317 -0.34 -5.90 -11.16
CA GLN B 317 -1.78 -5.88 -11.12
C GLN B 317 -2.32 -7.05 -10.30
N LEU B 318 -3.63 -7.02 -10.02
CA LEU B 318 -4.23 -8.02 -9.17
C LEU B 318 -3.99 -9.38 -9.77
N LYS B 319 -4.13 -9.48 -11.10
CA LYS B 319 -3.82 -10.74 -11.76
C LYS B 319 -2.34 -11.09 -11.60
N ASP B 320 -1.47 -10.09 -11.40
CA ASP B 320 -0.04 -10.38 -11.19
C ASP B 320 0.27 -10.84 -9.78
N MET B 321 -0.49 -10.32 -8.82
CA MET B 321 -0.21 -10.64 -7.43
C MET B 321 -0.59 -12.08 -7.07
N ILE B 322 -1.81 -12.52 -7.43
CA ILE B 322 -2.33 -13.79 -6.91
C ILE B 322 -1.41 -14.98 -7.20
N PRO B 323 -0.88 -15.06 -8.46
CA PRO B 323 -0.02 -16.19 -8.77
C PRO B 323 1.37 -16.04 -8.13
N THR B 324 1.69 -14.85 -7.62
CA THR B 324 2.89 -14.63 -6.83
C THR B 324 3.23 -15.77 -5.87
N GLU B 325 2.23 -16.36 -5.21
CA GLU B 325 2.51 -17.27 -4.11
C GLU B 325 3.12 -18.53 -4.66
N MET B 326 2.46 -19.13 -5.64
CA MET B 326 3.11 -20.21 -6.38
C MET B 326 4.57 -19.92 -6.78
N GLN B 327 4.84 -18.81 -7.49
CA GLN B 327 6.23 -18.53 -7.85
C GLN B 327 7.15 -18.74 -6.66
N ARG B 328 6.84 -18.11 -5.54
CA ARG B 328 7.67 -18.24 -4.35
C ARG B 328 7.97 -19.71 -4.06
N LEU B 329 6.91 -20.50 -3.94
CA LEU B 329 6.97 -21.91 -3.58
C LEU B 329 7.90 -22.73 -4.50
N THR B 330 7.95 -22.38 -5.79
CA THR B 330 8.91 -22.99 -6.70
C THR B 330 10.31 -22.47 -6.51
N LYS B 331 10.45 -21.24 -5.99
CA LYS B 331 11.79 -20.65 -5.92
C LYS B 331 12.55 -21.17 -4.73
N TYR B 332 11.88 -21.84 -3.81
CA TYR B 332 12.58 -22.26 -2.59
C TYR B 332 13.70 -23.26 -2.88
N PRO B 333 13.41 -24.33 -3.65
CA PRO B 333 14.43 -25.33 -3.91
C PRO B 333 15.70 -24.77 -4.57
N LEU B 334 15.55 -24.03 -5.67
CA LEU B 334 16.67 -23.36 -6.28
C LEU B 334 17.51 -22.66 -5.19
N LEU B 335 16.85 -21.87 -4.33
CA LEU B 335 17.58 -21.14 -3.31
C LEU B 335 18.31 -22.08 -2.34
N LEU B 336 17.61 -23.09 -1.80
CA LEU B 336 18.25 -23.99 -0.86
C LEU B 336 19.31 -24.87 -1.54
N GLN B 337 18.96 -25.49 -2.68
CA GLN B 337 19.92 -26.30 -3.49
C GLN B 337 21.23 -25.54 -3.54
N SER B 338 21.12 -24.29 -4.02
CA SER B 338 22.27 -23.42 -4.14
C SER B 338 23.00 -23.16 -2.81
N ILE B 339 22.26 -22.94 -1.71
CA ILE B 339 22.90 -22.77 -0.39
C ILE B 339 23.58 -24.04 0.11
N GLY B 340 23.02 -25.18 -0.26
CA GLY B 340 23.55 -26.45 0.21
C GLY B 340 24.86 -26.72 -0.50
N GLN B 341 24.77 -26.78 -1.83
CA GLN B 341 25.90 -27.15 -2.64
C GLN B 341 27.08 -26.19 -2.45
N ASN B 342 26.85 -25.10 -1.73
CA ASN B 342 27.95 -24.23 -1.37
C ASN B 342 28.35 -24.26 0.09
N THR B 343 28.04 -25.36 0.79
CA THR B 343 28.35 -25.45 2.23
C THR B 343 29.44 -26.47 2.60
N GLU B 344 30.63 -25.94 2.93
CA GLU B 344 31.79 -26.72 3.44
C GLU B 344 31.42 -27.76 4.51
N GLU B 345 31.12 -27.28 5.71
CA GLU B 345 31.02 -28.09 6.90
C GLU B 345 29.88 -29.10 6.77
N PRO B 346 30.19 -30.40 6.81
CA PRO B 346 29.23 -31.53 6.60
C PRO B 346 27.86 -31.41 7.29
N THR B 347 27.84 -31.44 8.62
CA THR B 347 26.56 -31.59 9.34
C THR B 347 25.57 -30.49 8.96
N GLU B 348 26.08 -29.27 8.72
CA GLU B 348 25.26 -28.15 8.18
C GLU B 348 24.68 -28.48 6.79
N ARG B 349 25.56 -28.70 5.81
CA ARG B 349 25.13 -29.16 4.49
C ARG B 349 24.04 -30.27 4.60
N GLU B 350 24.18 -31.14 5.59
CA GLU B 350 23.14 -32.15 5.78
C GLU B 350 21.80 -31.42 5.93
N LYS B 351 21.67 -30.70 7.04
CA LYS B 351 20.54 -29.80 7.31
C LYS B 351 19.99 -29.05 6.10
N VAL B 352 20.80 -28.18 5.48
CA VAL B 352 20.29 -27.41 4.33
C VAL B 352 19.66 -28.35 3.28
N GLU B 353 20.43 -29.33 2.84
CA GLU B 353 19.93 -30.29 1.87
C GLU B 353 18.58 -30.89 2.29
N LEU B 354 18.50 -31.38 3.53
CA LEU B 354 17.26 -31.96 4.00
C LEU B 354 16.14 -30.91 3.80
N ALA B 355 16.37 -29.70 4.32
CA ALA B 355 15.44 -28.58 4.14
C ALA B 355 14.98 -28.42 2.68
N ALA B 356 15.93 -28.35 1.73
CA ALA B 356 15.57 -28.36 0.29
C ALA B 356 14.76 -29.60 -0.12
N GLU B 357 15.16 -30.76 0.43
CA GLU B 357 14.39 -32.00 0.31
C GLU B 357 12.88 -31.73 0.52
N CYS B 358 12.54 -31.05 1.63
CA CYS B 358 11.13 -30.73 1.98
C CYS B 358 10.51 -29.72 1.05
N CYS B 359 11.20 -28.62 0.78
CA CYS B 359 10.63 -27.65 -0.18
C CYS B 359 10.29 -28.32 -1.52
N ARG B 360 11.00 -29.42 -1.86
CA ARG B 360 10.72 -30.12 -3.11
C ARG B 360 9.44 -30.92 -2.94
N GLU B 361 9.32 -31.63 -1.81
CA GLU B 361 8.08 -32.36 -1.48
C GLU B 361 6.92 -31.35 -1.41
N ILE B 362 7.17 -30.19 -0.78
CA ILE B 362 6.14 -29.21 -0.55
C ILE B 362 5.64 -28.76 -1.91
N LEU B 363 6.55 -28.27 -2.75
CA LEU B 363 6.22 -27.92 -4.13
C LEU B 363 5.46 -29.01 -4.82
N HIS B 364 5.94 -30.24 -4.64
CA HIS B 364 5.28 -31.38 -5.25
C HIS B 364 3.86 -31.45 -4.73
N HIS B 365 3.70 -31.52 -3.40
CA HIS B 365 2.39 -31.66 -2.76
C HIS B 365 1.37 -30.61 -3.20
N VAL B 366 1.81 -29.35 -3.22
CA VAL B 366 1.02 -28.23 -3.70
C VAL B 366 0.53 -28.49 -5.13
N ASN B 367 1.48 -28.63 -6.06
CA ASN B 367 1.19 -28.77 -7.49
C ASN B 367 0.06 -29.75 -7.75
N GLN B 368 0.11 -30.88 -7.05
CA GLN B 368 -0.91 -31.90 -7.12
C GLN B 368 -2.23 -31.27 -6.64
N ALA B 369 -2.26 -30.92 -5.37
CA ALA B 369 -3.43 -30.31 -4.72
C ALA B 369 -4.04 -29.18 -5.56
N VAL B 370 -3.21 -28.54 -6.37
CA VAL B 370 -3.68 -27.59 -7.35
C VAL B 370 -4.54 -28.34 -8.38
N ARG B 371 -3.91 -29.25 -9.12
CA ARG B 371 -4.65 -30.03 -10.12
C ARG B 371 -5.87 -30.79 -9.52
N ASP B 372 -5.82 -31.21 -8.25
CA ASP B 372 -7.00 -31.85 -7.68
C ASP B 372 -8.18 -30.88 -7.61
N MET B 373 -7.91 -29.66 -7.16
CA MET B 373 -8.88 -28.56 -7.10
C MET B 373 -9.27 -28.10 -8.48
N GLU B 374 -8.31 -28.00 -9.40
CA GLU B 374 -8.66 -27.56 -10.76
C GLU B 374 -9.57 -28.55 -11.45
N ASP B 375 -9.29 -29.85 -11.28
CA ASP B 375 -10.15 -30.95 -11.75
C ASP B 375 -11.47 -31.02 -11.00
N LEU B 376 -11.41 -30.90 -9.68
CA LEU B 376 -12.60 -31.02 -8.87
C LEU B 376 -13.66 -30.05 -9.34
N LEU B 377 -13.38 -28.75 -9.29
CA LEU B 377 -14.38 -27.74 -9.63
C LEU B 377 -14.95 -27.99 -11.01
N ARG B 378 -14.12 -28.48 -11.92
CA ARG B 378 -14.61 -28.74 -13.25
C ARG B 378 -15.63 -29.86 -13.24
N LEU B 379 -15.26 -31.04 -12.76
CA LEU B 379 -16.19 -32.16 -12.75
C LEU B 379 -17.44 -31.86 -11.93
N LYS B 380 -17.25 -31.08 -10.86
CA LYS B 380 -18.29 -30.67 -9.91
C LYS B 380 -19.37 -29.92 -10.65
N ASP B 381 -18.91 -29.10 -11.60
CA ASP B 381 -19.78 -28.37 -12.51
C ASP B 381 -20.48 -29.36 -13.43
N TYR B 382 -19.69 -30.16 -14.13
CA TYR B 382 -20.21 -31.12 -15.08
C TYR B 382 -21.24 -32.03 -14.43
N GLN B 383 -20.95 -32.48 -13.21
CA GLN B 383 -21.88 -33.32 -12.45
C GLN B 383 -23.23 -32.64 -12.15
N ARG B 384 -23.21 -31.32 -11.96
CA ARG B 384 -24.46 -30.56 -11.84
C ARG B 384 -25.21 -30.48 -13.16
N ARG B 385 -24.46 -30.61 -14.26
CA ARG B 385 -24.98 -30.31 -15.58
C ARG B 385 -25.35 -31.56 -16.36
N LEU B 386 -25.07 -32.72 -15.78
CA LEU B 386 -25.44 -34.01 -16.36
C LEU B 386 -26.95 -34.22 -16.42
N ASP B 387 -27.49 -34.52 -17.61
CA ASP B 387 -28.84 -35.09 -17.70
C ASP B 387 -28.62 -36.61 -17.65
N LEU B 388 -29.07 -37.21 -16.55
CA LEU B 388 -28.87 -38.64 -16.23
C LEU B 388 -30.08 -39.53 -16.64
N SER B 389 -31.18 -38.90 -17.05
CA SER B 389 -32.52 -39.53 -17.11
C SER B 389 -32.63 -40.81 -17.93
N HIS B 390 -31.87 -40.87 -19.02
CA HIS B 390 -31.93 -42.00 -19.92
C HIS B 390 -31.24 -43.25 -19.34
N LEU B 391 -30.26 -43.04 -18.45
CA LEU B 391 -29.63 -44.17 -17.75
C LEU B 391 -30.53 -44.80 -16.68
N ARG B 392 -31.40 -44.01 -16.07
CA ARG B 392 -32.30 -44.53 -15.04
C ARG B 392 -33.34 -45.54 -15.60
N GLN B 393 -33.15 -46.00 -16.84
CA GLN B 393 -34.23 -46.76 -17.51
C GLN B 393 -33.90 -47.82 -18.60
N SER B 394 -32.70 -47.79 -19.19
CA SER B 394 -32.39 -48.63 -20.37
C SER B 394 -33.59 -49.49 -20.91
N LEU B 399 -25.79 -51.03 -17.80
CA LEU B 399 -25.89 -49.58 -17.65
C LEU B 399 -26.36 -49.12 -16.27
N SER B 400 -26.92 -50.04 -15.50
CA SER B 400 -27.40 -49.72 -14.15
C SER B 400 -26.24 -49.40 -13.20
N GLU B 401 -25.01 -49.68 -13.63
CA GLU B 401 -23.83 -49.38 -12.84
C GLU B 401 -23.58 -47.87 -12.78
N PHE B 402 -24.20 -47.15 -13.72
CA PHE B 402 -24.13 -45.69 -13.74
C PHE B 402 -25.54 -45.17 -13.61
N LYS B 403 -26.09 -45.21 -12.40
CA LYS B 403 -27.54 -45.14 -12.27
C LYS B 403 -28.21 -43.76 -12.25
N ASN B 404 -27.87 -42.78 -11.39
CA ASN B 404 -26.91 -42.74 -10.23
C ASN B 404 -25.39 -42.35 -10.42
N LEU B 405 -24.90 -42.30 -11.66
CA LEU B 405 -23.49 -41.96 -11.95
C LEU B 405 -23.01 -40.64 -11.32
N ASP B 406 -21.87 -40.71 -10.62
CA ASP B 406 -21.22 -39.53 -10.01
C ASP B 406 -19.76 -39.40 -10.43
N ILE B 407 -19.38 -38.25 -10.96
CA ILE B 407 -18.01 -38.08 -11.48
C ILE B 407 -17.14 -37.03 -10.75
N THR B 408 -17.48 -36.72 -9.52
CA THR B 408 -16.83 -35.61 -8.84
C THR B 408 -15.54 -36.07 -8.21
N LYS B 409 -15.52 -37.33 -7.77
CA LYS B 409 -14.36 -37.86 -7.04
C LYS B 409 -13.44 -38.65 -7.97
N LYS B 410 -13.73 -38.58 -9.26
CA LYS B 410 -12.92 -39.22 -10.30
C LYS B 410 -11.84 -38.28 -10.82
N LYS B 411 -10.84 -38.85 -11.49
CA LYS B 411 -9.70 -38.09 -12.00
C LYS B 411 -9.90 -37.75 -13.47
N LEU B 412 -9.76 -36.47 -13.80
CA LEU B 412 -10.04 -36.03 -15.16
C LEU B 412 -8.77 -36.00 -15.99
N VAL B 413 -8.50 -37.11 -16.65
CA VAL B 413 -7.33 -37.25 -17.53
C VAL B 413 -7.33 -36.26 -18.69
N HIS B 414 -8.46 -36.11 -19.37
CA HIS B 414 -8.51 -35.29 -20.58
C HIS B 414 -9.95 -35.05 -20.98
N GLU B 415 -10.21 -33.91 -21.61
CA GLU B 415 -11.53 -33.63 -22.18
C GLU B 415 -11.39 -32.99 -23.57
N GLY B 416 -12.52 -32.75 -24.23
CA GLY B 416 -12.50 -32.03 -25.50
C GLY B 416 -13.60 -32.38 -26.48
N PRO B 417 -13.81 -31.51 -27.48
CA PRO B 417 -14.82 -31.77 -28.48
C PRO B 417 -14.31 -32.80 -29.49
N LEU B 418 -15.26 -33.51 -30.09
CA LEU B 418 -15.01 -34.52 -31.11
C LEU B 418 -16.32 -34.80 -31.84
N THR B 419 -16.22 -35.28 -33.07
CA THR B 419 -17.40 -35.64 -33.85
C THR B 419 -17.51 -37.14 -33.83
N TRP B 420 -18.73 -37.62 -33.69
CA TRP B 420 -18.96 -39.04 -33.50
C TRP B 420 -19.70 -39.70 -34.70
N ARG B 421 -18.94 -40.06 -35.74
CA ARG B 421 -19.52 -40.79 -36.88
C ARG B 421 -20.22 -42.01 -36.33
N VAL B 422 -21.54 -41.93 -36.37
CA VAL B 422 -22.42 -42.86 -35.70
C VAL B 422 -22.85 -43.86 -36.76
N THR B 423 -23.19 -43.35 -37.96
CA THR B 423 -23.13 -44.09 -39.25
C THR B 423 -22.65 -43.17 -40.37
N LYS B 424 -22.21 -43.78 -41.47
CA LYS B 424 -21.72 -43.04 -42.63
C LYS B 424 -22.87 -42.34 -43.36
N VAL B 430 -20.19 -33.93 -30.05
CA VAL B 430 -20.09 -34.30 -28.63
C VAL B 430 -18.81 -33.86 -27.91
N HIS B 431 -18.97 -33.62 -26.61
CA HIS B 431 -17.87 -33.27 -25.73
C HIS B 431 -17.44 -34.49 -24.96
N VAL B 432 -16.18 -34.89 -25.12
CA VAL B 432 -15.68 -36.11 -24.54
C VAL B 432 -14.88 -35.91 -23.24
N LEU B 433 -15.25 -36.69 -22.23
CA LEU B 433 -14.47 -36.84 -21.01
C LEU B 433 -13.71 -38.15 -21.01
N LEU B 434 -12.39 -38.08 -20.97
CA LEU B 434 -11.59 -39.23 -20.62
C LEU B 434 -11.27 -39.16 -19.14
N LEU B 435 -11.96 -39.96 -18.35
CA LEU B 435 -11.67 -40.07 -16.92
C LEU B 435 -10.75 -41.26 -16.72
N ASP B 436 -10.22 -41.44 -15.51
CA ASP B 436 -9.23 -42.50 -15.26
C ASP B 436 -9.69 -43.95 -15.48
N ASP B 437 -11.00 -44.16 -15.66
CA ASP B 437 -11.52 -45.50 -15.89
C ASP B 437 -12.81 -45.60 -16.73
N LEU B 438 -13.46 -44.46 -16.97
CA LEU B 438 -14.63 -44.42 -17.87
C LEU B 438 -14.37 -43.48 -19.02
N LEU B 439 -14.95 -43.76 -20.17
CA LEU B 439 -14.98 -42.73 -21.20
C LEU B 439 -16.42 -42.21 -21.34
N LEU B 440 -16.58 -40.89 -21.32
CA LEU B 440 -17.90 -40.28 -21.50
C LEU B 440 -17.96 -39.49 -22.78
N LEU B 441 -19.01 -39.73 -23.56
CA LEU B 441 -19.29 -38.96 -24.78
C LEU B 441 -20.57 -38.19 -24.51
N LEU B 442 -20.42 -36.89 -24.25
CA LEU B 442 -21.52 -36.05 -23.82
C LEU B 442 -21.96 -35.15 -24.96
N GLN B 443 -23.26 -35.09 -25.23
CA GLN B 443 -23.86 -34.10 -26.14
C GLN B 443 -24.13 -32.76 -25.45
N ARG B 444 -23.70 -31.64 -26.07
CA ARG B 444 -23.96 -30.29 -25.52
C ARG B 444 -25.37 -29.85 -25.93
N GLN B 445 -26.30 -29.84 -24.97
CA GLN B 445 -27.71 -29.51 -25.25
C GLN B 445 -28.12 -28.34 -24.36
N ASP B 446 -27.88 -27.13 -24.85
CA ASP B 446 -27.91 -25.90 -24.03
C ASP B 446 -27.01 -26.00 -22.75
N GLU B 447 -27.54 -25.67 -21.57
CA GLU B 447 -26.73 -25.68 -20.33
C GLU B 447 -26.41 -27.11 -19.90
N ARG B 448 -27.28 -28.06 -20.25
CA ARG B 448 -27.12 -29.45 -19.82
C ARG B 448 -26.09 -30.22 -20.69
N LEU B 449 -25.76 -31.44 -20.24
CA LEU B 449 -24.87 -32.38 -20.92
C LEU B 449 -25.51 -33.76 -20.79
N LEU B 450 -25.98 -34.33 -21.91
CA LEU B 450 -26.74 -35.59 -21.84
C LEU B 450 -26.01 -36.77 -22.50
N LEU B 451 -26.16 -37.93 -21.86
CA LEU B 451 -25.62 -39.20 -22.32
C LEU B 451 -26.74 -40.03 -22.94
N LYS B 452 -26.65 -40.30 -24.26
CA LYS B 452 -27.71 -41.07 -24.97
C LYS B 452 -27.19 -42.33 -25.68
N SER B 453 -28.07 -43.36 -25.78
CA SER B 453 -27.81 -44.61 -26.55
C SER B 453 -28.24 -44.55 -27.96
N LEU B 468 -25.31 -48.54 -29.14
CA LEU B 468 -24.08 -47.88 -28.69
C LEU B 468 -24.33 -47.08 -27.44
N ARG B 469 -23.38 -47.11 -26.51
CA ARG B 469 -23.55 -46.44 -25.23
C ARG B 469 -22.59 -45.25 -25.08
N PRO B 470 -23.06 -44.16 -24.44
CA PRO B 470 -22.22 -42.98 -24.27
C PRO B 470 -21.19 -43.13 -23.15
N VAL B 471 -21.38 -44.13 -22.29
CA VAL B 471 -20.50 -44.40 -21.15
C VAL B 471 -19.85 -45.79 -21.30
N LEU B 472 -18.54 -45.87 -21.03
CA LEU B 472 -17.67 -46.96 -21.48
C LEU B 472 -16.55 -47.31 -20.49
N ARG B 473 -16.49 -48.57 -20.05
CA ARG B 473 -15.40 -49.01 -19.16
C ARG B 473 -14.11 -49.04 -19.99
N LEU B 474 -13.05 -48.40 -19.51
CA LEU B 474 -11.77 -48.39 -20.22
C LEU B 474 -10.92 -49.66 -20.16
N THR B 475 -11.19 -50.55 -19.19
CA THR B 475 -10.33 -51.73 -18.95
C THR B 475 -10.12 -52.69 -20.13
N SER B 476 -10.74 -52.40 -21.27
CA SER B 476 -10.66 -53.30 -22.44
C SER B 476 -10.58 -52.50 -23.74
N ALA B 477 -10.45 -51.19 -23.59
CA ALA B 477 -10.39 -50.26 -24.71
C ALA B 477 -9.14 -50.45 -25.55
N MET B 478 -9.16 -49.85 -26.72
CA MET B 478 -8.15 -50.02 -27.74
C MET B 478 -8.50 -49.05 -28.84
N THR B 479 -7.50 -48.37 -29.40
CA THR B 479 -7.79 -47.46 -30.51
C THR B 479 -7.20 -47.98 -31.81
N ARG B 480 -7.73 -47.55 -32.94
CA ARG B 480 -7.12 -47.80 -34.23
C ARG B 480 -7.28 -46.58 -35.10
N GLU B 481 -6.27 -46.30 -35.91
CA GLU B 481 -6.30 -45.23 -36.89
C GLU B 481 -7.30 -45.60 -37.99
N VAL B 482 -7.89 -44.61 -38.65
CA VAL B 482 -8.81 -44.89 -39.77
C VAL B 482 -8.15 -44.47 -41.09
N ALA B 483 -8.10 -45.41 -42.04
CA ALA B 483 -7.39 -45.25 -43.32
C ALA B 483 -7.95 -44.16 -44.24
N THR B 484 -9.28 -43.96 -44.21
CA THR B 484 -9.95 -43.02 -45.10
C THR B 484 -10.47 -41.77 -44.37
N ASP B 485 -9.68 -41.25 -43.43
CA ASP B 485 -10.01 -40.07 -42.61
C ASP B 485 -8.94 -39.92 -41.53
N HIS B 486 -7.86 -39.22 -41.87
CA HIS B 486 -6.70 -39.17 -41.01
C HIS B 486 -6.98 -38.40 -39.74
N LYS B 487 -8.18 -37.81 -39.67
CA LYS B 487 -8.64 -37.07 -38.50
C LYS B 487 -9.58 -37.91 -37.61
N ALA B 488 -9.85 -39.14 -38.06
CA ALA B 488 -10.72 -40.07 -37.35
C ALA B 488 -9.95 -41.24 -36.76
N PHE B 489 -10.40 -41.70 -35.58
CA PHE B 489 -9.98 -42.99 -35.00
C PHE B 489 -11.15 -43.86 -34.54
N TYR B 490 -10.92 -45.17 -34.48
CA TYR B 490 -11.86 -46.13 -33.89
C TYR B 490 -11.47 -46.44 -32.45
N VAL B 491 -12.47 -46.81 -31.62
CA VAL B 491 -12.28 -47.26 -30.24
C VAL B 491 -13.11 -48.50 -30.04
N LEU B 492 -12.56 -49.52 -29.41
CA LEU B 492 -13.19 -50.81 -29.39
C LEU B 492 -13.11 -51.37 -27.98
N PHE B 493 -14.14 -52.09 -27.53
CA PHE B 493 -14.16 -52.61 -26.15
C PHE B 493 -14.24 -54.15 -26.00
N THR B 494 -13.10 -54.76 -25.64
CA THR B 494 -12.95 -56.25 -25.60
C THR B 494 -13.44 -56.97 -24.31
N GLU B 498 -19.00 -56.90 -27.17
CA GLU B 498 -19.42 -57.63 -28.38
C GLU B 498 -19.31 -56.74 -29.61
N ALA B 499 -18.33 -55.82 -29.56
CA ALA B 499 -17.80 -55.07 -30.70
C ALA B 499 -18.82 -54.28 -31.50
N GLN B 500 -19.27 -53.09 -31.09
CA GLN B 500 -18.69 -52.19 -30.08
C GLN B 500 -17.67 -51.22 -30.71
N ILE B 501 -18.03 -50.60 -31.83
CA ILE B 501 -17.11 -49.69 -32.51
C ILE B 501 -17.50 -48.24 -32.43
N TYR B 502 -16.56 -47.41 -32.04
CA TYR B 502 -16.82 -45.99 -31.79
C TYR B 502 -15.95 -45.12 -32.69
N GLU B 503 -16.51 -44.65 -33.80
CA GLU B 503 -15.75 -43.82 -34.73
C GLU B 503 -15.85 -42.37 -34.33
N LEU B 504 -14.76 -41.83 -33.81
CA LEU B 504 -14.75 -40.44 -33.37
C LEU B 504 -13.84 -39.64 -34.27
N VAL B 505 -14.23 -38.40 -34.54
CA VAL B 505 -13.50 -37.56 -35.49
C VAL B 505 -13.00 -36.26 -34.87
N ALA B 506 -11.68 -36.06 -34.98
CA ALA B 506 -11.02 -34.85 -34.50
C ALA B 506 -11.09 -33.68 -35.50
N GLN B 507 -10.99 -32.46 -34.98
CA GLN B 507 -10.97 -31.23 -35.77
C GLN B 507 -9.68 -31.13 -36.58
N THR B 508 -8.57 -31.59 -36.00
CA THR B 508 -7.29 -31.73 -36.72
C THR B 508 -6.54 -33.04 -36.39
N VAL B 509 -5.66 -33.46 -37.30
CA VAL B 509 -4.93 -34.74 -37.20
C VAL B 509 -4.14 -34.90 -35.91
N SER B 510 -3.36 -33.88 -35.56
CA SER B 510 -2.53 -33.87 -34.35
C SER B 510 -3.31 -34.15 -33.06
N GLU B 511 -4.52 -33.63 -32.97
CA GLU B 511 -5.35 -33.91 -31.80
C GLU B 511 -6.11 -35.23 -31.90
N ARG B 512 -6.01 -35.92 -33.04
CA ARG B 512 -6.50 -37.29 -33.13
C ARG B 512 -5.44 -38.25 -32.60
N LYS B 513 -4.19 -38.04 -33.02
CA LYS B 513 -3.05 -38.78 -32.45
C LYS B 513 -3.07 -38.61 -30.94
N ASN B 514 -2.94 -37.36 -30.52
CA ASN B 514 -3.07 -36.95 -29.13
C ASN B 514 -4.09 -37.83 -28.36
N TRP B 515 -5.27 -38.01 -28.93
CA TRP B 515 -6.37 -38.76 -28.28
C TRP B 515 -6.09 -40.25 -28.07
N CYS B 516 -5.76 -40.96 -29.15
CA CYS B 516 -5.45 -42.38 -29.06
C CYS B 516 -4.34 -42.60 -28.08
N ALA B 517 -3.27 -41.82 -28.25
CA ALA B 517 -2.09 -41.91 -27.41
C ALA B 517 -2.59 -41.95 -25.97
N LEU B 518 -3.40 -40.97 -25.62
CA LEU B 518 -3.96 -40.84 -24.28
C LEU B 518 -4.90 -41.96 -23.81
N ILE B 519 -5.81 -42.41 -24.67
CA ILE B 519 -6.70 -43.51 -24.30
C ILE B 519 -5.93 -44.84 -24.11
N THR B 520 -5.17 -45.26 -25.13
CA THR B 520 -4.45 -46.53 -25.06
C THR B 520 -3.51 -46.53 -23.85
N GLU B 521 -3.12 -45.34 -23.42
CA GLU B 521 -2.28 -45.17 -22.22
C GLU B 521 -3.07 -45.47 -20.97
N THR B 522 -4.13 -44.69 -20.77
CA THR B 522 -4.99 -44.75 -19.59
C THR B 522 -5.64 -46.11 -19.43
N ALA B 523 -5.92 -46.75 -20.57
CA ALA B 523 -6.44 -48.10 -20.58
C ALA B 523 -5.40 -49.07 -20.02
N GLY B 524 -4.19 -49.02 -20.59
CA GLY B 524 -3.02 -49.71 -20.06
C GLY B 524 -2.81 -49.55 -18.56
N SER B 525 -2.80 -48.30 -18.09
CA SER B 525 -2.76 -47.92 -16.65
C SER B 525 -3.56 -48.78 -15.69
N LEU B 526 -4.72 -49.27 -16.15
CA LEU B 526 -5.66 -50.06 -15.34
C LEU B 526 -5.32 -51.55 -15.26
N LYS B 527 -5.31 -52.07 -14.02
CA LYS B 527 -4.97 -53.46 -13.73
C LYS B 527 -6.13 -54.40 -14.08
N VAL B 528 -5.85 -55.71 -14.08
CA VAL B 528 -6.84 -56.68 -14.50
C VAL B 528 -7.13 -57.77 -13.43
N PRO B 529 -8.43 -57.99 -13.10
CA PRO B 529 -8.88 -59.07 -12.21
C PRO B 529 -8.39 -60.46 -12.62
#